data_7Q42
#
_entry.id   7Q42
#
_cell.length_a   107.980
_cell.length_b   107.980
_cell.length_c   241.560
_cell.angle_alpha   90.000
_cell.angle_beta   90.000
_cell.angle_gamma   90.000
#
_symmetry.space_group_name_H-M   'P 43 21 2'
#
loop_
_entity.id
_entity.type
_entity.pdbx_description
1 polymer 'E3 ubiquitin-protein ligase HERC2'
2 polymer 'Bromodomain adjacent to zinc finger domain protein 2B'
3 non-polymer 'CITRIC ACID'
4 water water
#
loop_
_entity_poly.entity_id
_entity_poly.type
_entity_poly.pdbx_seq_one_letter_code
_entity_poly.pdbx_strand_id
1 'polypeptide(L)'
;GAMGSLIRKKAAGLESAATIRTKVFVWGLNDKDQLGGLKGSKIKVPSFSETLSALNVVQVAGGSKSLFAVTVEGKVYACG
EATNGRLGLGISSGTVPIPRQITALSSYVVKKVAVHSGGRHATALTVDGKVFSWGEGDDGKLGHFSRMNCDKPRLIEALK
TKRIRDIACGSSHSAALTSSGELYTWGLGEYGRLGHGDNTTQLKPKMVKVLLGHRVIQVACGSRDAQTLALTDEGLVFSW
GDGDFGKLGRGGSEGCNIPQNIERLNGQGVCQIECGAQFSLALTKSGVVWTWGKGDYFRLGHGSDVHVRKPQVVEGLRGK
KIVHVAVGALHCLAVTDSGQVYAWGDNDHGQQGNGTTTVNRKPTLVQGLEGQKITRVACGSSHSVAWTTVDVATPSVHEP
VLFQT
;
A,C,E
2 'polypeptide(L)' EDDDDKDQDESDSDT D,B,F
#
loop_
_chem_comp.id
_chem_comp.type
_chem_comp.name
_chem_comp.formula
CIT non-polymer 'CITRIC ACID' 'C6 H8 O7'
#
# COMPACT_ATOMS: atom_id res chain seq x y z
N ARG A 21 -45.94 -19.22 -8.33
CA ARG A 21 -45.93 -17.86 -7.83
C ARG A 21 -44.54 -17.68 -7.24
N THR A 22 -43.87 -16.57 -7.52
CA THR A 22 -42.54 -16.34 -6.97
C THR A 22 -42.58 -15.03 -6.20
N LYS A 23 -42.25 -15.08 -4.92
CA LYS A 23 -42.20 -13.87 -4.11
C LYS A 23 -40.82 -13.27 -4.17
N VAL A 24 -40.75 -11.95 -4.38
CA VAL A 24 -39.50 -11.23 -4.53
C VAL A 24 -39.40 -10.19 -3.42
N PHE A 25 -38.23 -10.12 -2.78
CA PHE A 25 -37.93 -9.18 -1.71
C PHE A 25 -36.72 -8.34 -2.11
N VAL A 26 -36.77 -7.05 -1.82
CA VAL A 26 -35.72 -6.12 -2.23
C VAL A 26 -35.34 -5.26 -1.04
N TRP A 27 -34.08 -4.78 -1.04
CA TRP A 27 -33.63 -3.82 -0.05
C TRP A 27 -32.36 -3.13 -0.53
N GLY A 28 -31.90 -2.15 0.24
CA GLY A 28 -30.74 -1.36 -0.14
C GLY A 28 -31.09 0.03 -0.66
N LEU A 29 -30.17 0.57 -1.45
CA LEU A 29 -30.35 1.92 -2.02
C LEU A 29 -31.51 1.98 -2.97
N ASN A 30 -32.31 3.05 -2.87
CA ASN A 30 -33.54 3.23 -3.68
C ASN A 30 -33.79 4.69 -4.09
N ASP A 31 -32.70 5.43 -4.33
CA ASP A 31 -32.75 6.88 -4.68
C ASP A 31 -33.24 7.09 -6.12
N LYS A 32 -33.00 6.13 -6.99
CA LYS A 32 -33.43 6.21 -8.40
C LYS A 32 -34.56 5.21 -8.57
N ASP A 33 -35.19 4.81 -7.46
CA ASP A 33 -36.26 3.81 -7.47
C ASP A 33 -35.80 2.50 -8.09
N GLN A 34 -34.53 2.16 -7.89
CA GLN A 34 -34.04 0.90 -8.44
C GLN A 34 -34.67 -0.30 -7.77
N LEU A 35 -35.39 -0.12 -6.65
CA LEU A 35 -36.07 -1.24 -6.00
C LEU A 35 -37.49 -1.45 -6.53
N GLY A 36 -37.94 -0.61 -7.48
CA GLY A 36 -39.14 -0.89 -8.25
C GLY A 36 -40.46 -0.46 -7.63
N GLY A 37 -40.47 0.43 -6.65
CA GLY A 37 -41.74 0.95 -6.17
C GLY A 37 -41.89 1.02 -4.67
N LEU A 38 -40.81 1.30 -3.95
CA LEU A 38 -40.88 1.42 -2.50
C LEU A 38 -40.65 2.86 -2.05
N LYS A 39 -41.14 3.21 -0.88
CA LYS A 39 -40.91 4.57 -0.34
C LYS A 39 -39.64 4.57 0.52
N GLY A 40 -38.83 5.60 0.39
CA GLY A 40 -37.58 5.70 1.12
C GLY A 40 -36.39 5.43 0.21
N SER A 41 -35.24 5.94 0.63
CA SER A 41 -34.03 5.80 -0.18
C SER A 41 -33.07 4.74 0.36
N LYS A 42 -33.14 4.42 1.64
CA LYS A 42 -32.33 3.37 2.26
C LYS A 42 -33.26 2.36 2.90
N ILE A 43 -33.59 1.30 2.17
CA ILE A 43 -34.46 0.23 2.65
C ILE A 43 -33.58 -0.77 3.40
N LYS A 44 -33.64 -0.75 4.73
CA LYS A 44 -32.70 -1.50 5.56
C LYS A 44 -33.15 -2.91 5.88
N VAL A 45 -34.38 -3.31 5.52
CA VAL A 45 -34.91 -4.65 5.81
C VAL A 45 -35.49 -5.18 4.50
N PRO A 46 -35.26 -6.44 4.14
CA PRO A 46 -35.86 -6.96 2.91
C PRO A 46 -37.35 -6.65 2.90
N SER A 47 -37.82 -6.14 1.77
CA SER A 47 -39.21 -5.71 1.66
C SER A 47 -39.89 -6.42 0.50
N PHE A 48 -41.08 -6.94 0.75
CA PHE A 48 -41.86 -7.58 -0.30
C PHE A 48 -42.09 -6.62 -1.46
N SER A 49 -41.74 -7.06 -2.66
CA SER A 49 -41.96 -6.27 -3.87
C SER A 49 -43.24 -6.75 -4.54
N GLU A 50 -44.30 -5.94 -4.45
CA GLU A 50 -45.53 -6.30 -5.15
C GLU A 50 -45.33 -6.33 -6.65
N THR A 51 -44.58 -5.36 -7.20
CA THR A 51 -44.46 -5.32 -8.65
C THR A 51 -43.68 -6.53 -9.17
N LEU A 52 -42.59 -6.89 -8.52
CA LEU A 52 -41.74 -7.97 -9.04
C LEU A 52 -42.32 -9.34 -8.73
N SER A 53 -43.03 -9.48 -7.61
CA SER A 53 -43.65 -10.76 -7.30
C SER A 53 -44.76 -11.08 -8.29
N ALA A 54 -45.41 -10.06 -8.84
CA ALA A 54 -46.49 -10.34 -9.78
C ALA A 54 -45.99 -10.88 -11.11
N LEU A 55 -44.71 -10.71 -11.46
CA LEU A 55 -44.22 -11.07 -12.81
C LEU A 55 -43.96 -12.55 -13.00
N ASN A 56 -43.79 -13.32 -11.93
CA ASN A 56 -43.38 -14.75 -12.06
C ASN A 56 -41.98 -14.75 -12.64
N VAL A 57 -41.00 -14.37 -11.82
CA VAL A 57 -39.61 -14.21 -12.33
C VAL A 57 -38.79 -15.49 -12.29
N VAL A 58 -37.95 -15.68 -13.29
CA VAL A 58 -36.92 -16.71 -13.17
C VAL A 58 -35.58 -16.10 -12.77
N GLN A 59 -35.40 -14.81 -12.98
CA GLN A 59 -34.12 -14.19 -12.65
C GLN A 59 -34.34 -12.71 -12.37
N VAL A 60 -33.69 -12.21 -11.34
CA VAL A 60 -33.53 -10.77 -11.13
C VAL A 60 -32.03 -10.50 -11.18
N ALA A 61 -31.64 -9.38 -11.80
CA ALA A 61 -30.24 -9.01 -11.92
C ALA A 61 -30.11 -7.54 -11.60
N GLY A 62 -28.98 -7.17 -10.99
CA GLY A 62 -28.81 -5.79 -10.55
C GLY A 62 -27.58 -5.16 -11.19
N GLY A 63 -27.76 -3.94 -11.71
CA GLY A 63 -26.66 -3.15 -12.24
C GLY A 63 -26.42 -1.93 -11.39
N SER A 64 -25.74 -0.95 -11.97
CA SER A 64 -25.55 0.32 -11.27
C SER A 64 -26.90 1.02 -11.11
N LYS A 65 -27.45 1.00 -9.89
CA LYS A 65 -28.74 1.63 -9.60
C LYS A 65 -29.84 1.21 -10.58
N SER A 66 -29.87 -0.08 -10.85
CA SER A 66 -30.77 -0.63 -11.87
C SER A 66 -31.19 -2.03 -11.47
N LEU A 67 -32.37 -2.44 -11.90
CA LEU A 67 -32.82 -3.81 -11.64
C LEU A 67 -33.45 -4.37 -12.91
N PHE A 68 -33.09 -5.60 -13.24
CA PHE A 68 -33.75 -6.27 -14.35
C PHE A 68 -34.39 -7.56 -13.87
N ALA A 69 -35.53 -7.92 -14.47
CA ALA A 69 -36.27 -9.14 -14.14
C ALA A 69 -36.62 -9.89 -15.41
N VAL A 70 -36.24 -11.16 -15.44
CA VAL A 70 -36.62 -12.07 -16.52
C VAL A 70 -37.75 -12.96 -16.01
N THR A 71 -38.85 -13.04 -16.76
CA THR A 71 -40.01 -13.80 -16.30
C THR A 71 -40.00 -15.22 -16.88
N VAL A 72 -40.85 -16.09 -16.31
CA VAL A 72 -41.05 -17.42 -16.89
C VAL A 72 -41.51 -17.30 -18.33
N GLU A 73 -42.32 -16.29 -18.61
CA GLU A 73 -42.79 -16.05 -19.96
C GLU A 73 -41.64 -15.73 -20.91
N GLY A 74 -40.51 -15.26 -20.39
CA GLY A 74 -39.39 -14.88 -21.23
C GLY A 74 -39.35 -13.41 -21.57
N LYS A 75 -40.12 -12.57 -20.87
CA LYS A 75 -40.06 -11.13 -21.01
C LYS A 75 -39.04 -10.56 -20.02
N VAL A 76 -38.62 -9.33 -20.25
CA VAL A 76 -37.65 -8.67 -19.39
C VAL A 76 -38.23 -7.35 -18.94
N TYR A 77 -38.12 -7.06 -17.63
CA TYR A 77 -38.60 -5.80 -17.09
C TYR A 77 -37.43 -5.07 -16.43
N ALA A 78 -37.42 -3.75 -16.51
CA ALA A 78 -36.31 -2.97 -15.95
C ALA A 78 -36.85 -1.80 -15.17
N CYS A 79 -36.09 -1.36 -14.17
CA CYS A 79 -36.42 -0.16 -13.42
C CYS A 79 -35.13 0.43 -12.85
N GLY A 80 -35.21 1.70 -12.45
CA GLY A 80 -34.10 2.37 -11.82
C GLY A 80 -33.59 3.53 -12.66
N GLU A 81 -32.30 3.83 -12.51
CA GLU A 81 -31.69 4.94 -13.24
C GLU A 81 -31.60 4.64 -14.74
N ALA A 82 -32.02 5.60 -15.57
CA ALA A 82 -32.12 5.38 -17.02
C ALA A 82 -30.94 5.91 -17.81
N THR A 83 -30.01 6.59 -17.13
CA THR A 83 -28.91 7.31 -17.75
C THR A 83 -28.06 6.34 -18.59
N ASN A 84 -27.50 6.83 -19.69
CA ASN A 84 -26.65 6.04 -20.60
C ASN A 84 -27.42 4.93 -21.31
N GLY A 85 -28.76 4.97 -21.29
CA GLY A 85 -29.55 3.93 -21.90
C GLY A 85 -29.45 2.57 -21.23
N ARG A 86 -29.04 2.53 -19.95
CA ARG A 86 -28.69 1.26 -19.33
C ARG A 86 -29.90 0.34 -19.14
N LEU A 87 -31.14 0.87 -19.15
CA LEU A 87 -32.31 0.01 -18.92
C LEU A 87 -32.86 -0.59 -20.21
N GLY A 88 -32.47 -0.08 -21.38
CA GLY A 88 -32.87 -0.68 -22.63
C GLY A 88 -34.27 -0.32 -23.04
N LEU A 89 -34.83 0.74 -22.46
CA LEU A 89 -36.23 1.12 -22.65
C LEU A 89 -36.40 2.26 -23.66
N GLY A 90 -35.40 2.54 -24.48
CA GLY A 90 -35.53 3.59 -25.48
C GLY A 90 -35.36 5.00 -24.95
N ILE A 91 -34.78 5.14 -23.77
CA ILE A 91 -34.57 6.45 -23.17
C ILE A 91 -33.16 6.49 -22.62
N SER A 92 -32.74 7.68 -22.17
CA SER A 92 -31.39 7.79 -21.63
C SER A 92 -31.21 8.90 -20.58
N SER A 93 -32.25 9.35 -19.87
CA SER A 93 -32.01 10.47 -18.95
C SER A 93 -32.69 10.38 -17.58
N GLY A 94 -33.83 9.74 -17.42
CA GLY A 94 -34.46 9.93 -16.09
C GLY A 94 -34.33 8.73 -15.17
N THR A 95 -35.41 8.43 -14.45
CA THR A 95 -35.56 7.16 -13.76
C THR A 95 -36.83 6.48 -14.23
N VAL A 96 -36.88 5.17 -14.04
CA VAL A 96 -38.05 4.36 -14.30
C VAL A 96 -38.49 3.75 -12.99
N PRO A 97 -39.48 4.34 -12.30
CA PRO A 97 -39.77 3.95 -10.90
C PRO A 97 -40.52 2.65 -10.75
N ILE A 98 -41.21 2.17 -11.77
CA ILE A 98 -41.94 0.91 -11.73
C ILE A 98 -41.40 0.01 -12.83
N PRO A 99 -41.16 -1.28 -12.58
CA PRO A 99 -40.69 -2.18 -13.60
C PRO A 99 -41.45 -2.07 -14.93
N ARG A 100 -40.74 -1.79 -16.02
CA ARG A 100 -41.35 -1.62 -17.36
C ARG A 100 -40.76 -2.68 -18.30
N GLN A 101 -41.62 -3.22 -19.16
CA GLN A 101 -41.17 -4.26 -20.09
C GLN A 101 -40.25 -3.70 -21.16
N ILE A 102 -39.16 -4.40 -21.43
CA ILE A 102 -38.31 -4.05 -22.56
C ILE A 102 -39.00 -4.60 -23.81
N THR A 103 -39.89 -3.80 -24.37
CA THR A 103 -40.74 -4.24 -25.47
C THR A 103 -39.95 -4.51 -26.75
N ALA A 104 -38.72 -4.01 -26.84
CA ALA A 104 -37.87 -4.36 -27.98
C ALA A 104 -37.57 -5.85 -28.02
N LEU A 105 -37.67 -6.57 -26.89
CA LEU A 105 -37.43 -8.00 -26.88
C LEU A 105 -38.72 -8.82 -26.83
N SER A 106 -39.87 -8.21 -27.07
CA SER A 106 -41.10 -8.96 -26.80
C SER A 106 -41.35 -10.10 -27.78
N SER A 107 -40.63 -10.16 -28.91
CA SER A 107 -40.76 -11.29 -29.83
C SER A 107 -39.79 -12.43 -29.53
N TYR A 108 -39.13 -12.40 -28.38
CA TYR A 108 -38.14 -13.41 -28.02
C TYR A 108 -38.47 -13.98 -26.65
N VAL A 109 -37.96 -15.18 -26.38
CA VAL A 109 -38.02 -15.76 -25.04
C VAL A 109 -36.63 -15.62 -24.45
N VAL A 110 -36.47 -14.65 -23.53
CA VAL A 110 -35.20 -14.41 -22.86
C VAL A 110 -35.07 -15.37 -21.69
N LYS A 111 -33.87 -15.93 -21.55
CA LYS A 111 -33.54 -16.87 -20.49
C LYS A 111 -32.72 -16.21 -19.38
N LYS A 112 -31.95 -15.17 -19.71
CA LYS A 112 -31.01 -14.59 -18.75
C LYS A 112 -30.59 -13.19 -19.18
N VAL A 113 -30.44 -12.30 -18.18
CA VAL A 113 -29.85 -10.97 -18.41
C VAL A 113 -28.51 -10.95 -17.67
N ALA A 114 -27.45 -10.49 -18.34
CA ALA A 114 -26.15 -10.34 -17.69
C ALA A 114 -25.85 -8.85 -17.50
N VAL A 115 -25.48 -8.47 -16.28
CA VAL A 115 -25.13 -7.09 -15.98
C VAL A 115 -24.21 -7.12 -14.77
N HIS A 116 -23.24 -6.20 -14.74
CA HIS A 116 -22.35 -6.11 -13.59
C HIS A 116 -22.98 -5.20 -12.55
N SER A 117 -22.69 -5.48 -11.27
CA SER A 117 -23.23 -4.63 -10.21
C SER A 117 -22.85 -3.17 -10.41
N GLY A 118 -21.71 -2.89 -11.05
CA GLY A 118 -21.32 -1.52 -11.32
C GLY A 118 -21.44 -1.11 -12.79
N GLY A 119 -22.30 -1.81 -13.53
CA GLY A 119 -22.37 -1.66 -14.96
C GLY A 119 -23.52 -0.80 -15.46
N ARG A 120 -23.32 -0.29 -16.69
CA ARG A 120 -24.29 0.57 -17.38
C ARG A 120 -24.66 0.01 -18.75
N HIS A 121 -24.34 -1.25 -19.00
CA HIS A 121 -24.76 -1.99 -20.19
C HIS A 121 -25.12 -3.39 -19.76
N ALA A 122 -25.89 -4.09 -20.59
CA ALA A 122 -26.33 -5.42 -20.23
C ALA A 122 -26.47 -6.24 -21.51
N THR A 123 -26.53 -7.55 -21.35
CA THR A 123 -26.86 -8.42 -22.47
C THR A 123 -28.00 -9.33 -22.04
N ALA A 124 -28.74 -9.82 -23.04
CA ALA A 124 -29.82 -10.77 -22.83
C ALA A 124 -29.61 -11.97 -23.74
N LEU A 125 -29.79 -13.17 -23.20
CA LEU A 125 -29.64 -14.42 -23.92
C LEU A 125 -31.01 -15.08 -24.06
N THR A 126 -31.40 -15.42 -25.28
CA THR A 126 -32.65 -16.11 -25.53
C THR A 126 -32.48 -17.62 -25.40
N VAL A 127 -33.62 -18.31 -25.26
CA VAL A 127 -33.60 -19.77 -25.13
C VAL A 127 -33.02 -20.42 -26.35
N ASP A 128 -33.21 -19.80 -27.52
CA ASP A 128 -32.64 -20.31 -28.77
C ASP A 128 -31.24 -19.78 -29.07
N GLY A 129 -30.58 -19.13 -28.12
CA GLY A 129 -29.15 -18.90 -28.24
C GLY A 129 -28.72 -17.55 -28.79
N LYS A 130 -29.63 -16.61 -28.94
CA LYS A 130 -29.31 -15.29 -29.49
C LYS A 130 -28.93 -14.34 -28.35
N VAL A 131 -27.99 -13.43 -28.64
CA VAL A 131 -27.52 -12.46 -27.64
C VAL A 131 -27.85 -11.05 -28.12
N PHE A 132 -28.48 -10.26 -27.26
CA PHE A 132 -28.77 -8.86 -27.52
C PHE A 132 -28.02 -8.02 -26.49
N SER A 133 -27.65 -6.80 -26.84
CA SER A 133 -26.96 -5.93 -25.89
C SER A 133 -27.55 -4.52 -25.97
N TRP A 134 -27.40 -3.77 -24.89
CA TRP A 134 -27.87 -2.39 -24.84
C TRP A 134 -27.15 -1.63 -23.75
N GLY A 135 -27.29 -0.31 -23.80
CA GLY A 135 -26.73 0.53 -22.77
C GLY A 135 -25.51 1.31 -23.24
N GLU A 136 -24.60 1.59 -22.32
CA GLU A 136 -23.38 2.35 -22.63
C GLU A 136 -22.50 1.59 -23.61
N GLY A 137 -22.07 2.27 -24.66
CA GLY A 137 -21.30 1.61 -25.70
C GLY A 137 -19.80 1.74 -25.59
N ASP A 138 -19.30 2.33 -24.52
CA ASP A 138 -17.93 2.79 -24.53
C ASP A 138 -17.03 1.55 -24.63
N ASP A 139 -15.92 1.69 -25.33
CA ASP A 139 -14.90 0.64 -25.46
C ASP A 139 -15.40 -0.61 -26.18
N GLY A 140 -16.56 -0.54 -26.85
CA GLY A 140 -17.02 -1.64 -27.67
C GLY A 140 -17.75 -2.73 -26.92
N LYS A 141 -18.08 -2.51 -25.64
CA LYS A 141 -18.59 -3.61 -24.82
C LYS A 141 -19.96 -4.10 -25.28
N LEU A 142 -20.65 -3.39 -26.18
CA LEU A 142 -21.90 -3.90 -26.73
C LEU A 142 -21.69 -4.89 -27.88
N GLY A 143 -20.52 -4.86 -28.55
CA GLY A 143 -20.15 -5.86 -29.54
C GLY A 143 -20.61 -5.62 -30.96
N HIS A 144 -21.02 -4.40 -31.31
CA HIS A 144 -21.51 -4.09 -32.64
C HIS A 144 -20.48 -3.36 -33.49
N PHE A 145 -19.20 -3.62 -33.24
CA PHE A 145 -18.11 -3.00 -33.99
C PHE A 145 -18.04 -1.50 -33.77
N SER A 146 -18.60 -0.95 -32.69
CA SER A 146 -18.55 0.50 -32.51
C SER A 146 -18.47 0.81 -31.02
N ARG A 147 -18.35 2.11 -30.72
CA ARG A 147 -18.40 2.59 -29.34
C ARG A 147 -19.72 3.31 -29.04
N MET A 148 -20.73 3.15 -29.89
CA MET A 148 -22.00 3.86 -29.76
C MET A 148 -22.86 3.24 -28.69
N ASN A 149 -23.53 4.08 -27.90
CA ASN A 149 -24.58 3.60 -26.98
C ASN A 149 -25.74 3.00 -27.76
N CYS A 150 -26.48 2.10 -27.12
CA CYS A 150 -27.73 1.59 -27.71
C CYS A 150 -28.83 1.76 -26.65
N ASP A 151 -29.78 2.66 -26.90
CA ASP A 151 -30.86 2.86 -25.93
C ASP A 151 -31.85 1.70 -25.90
N LYS A 152 -31.79 0.80 -26.88
CA LYS A 152 -32.65 -0.36 -26.93
C LYS A 152 -31.82 -1.58 -27.31
N PRO A 153 -32.24 -2.78 -26.91
CA PRO A 153 -31.46 -3.98 -27.23
C PRO A 153 -31.22 -4.13 -28.73
N ARG A 154 -30.04 -4.60 -29.07
CA ARG A 154 -29.67 -4.80 -30.46
C ARG A 154 -28.98 -6.16 -30.52
N LEU A 155 -29.33 -6.94 -31.54
CA LEU A 155 -28.77 -8.25 -31.74
C LEU A 155 -27.27 -8.18 -32.01
N ILE A 156 -26.47 -8.98 -31.30
CA ILE A 156 -25.04 -9.01 -31.59
C ILE A 156 -24.83 -9.91 -32.81
N GLU A 157 -24.66 -9.30 -33.98
CA GLU A 157 -24.58 -10.03 -35.24
C GLU A 157 -23.42 -11.00 -35.27
N ALA A 158 -22.27 -10.63 -34.69
CA ALA A 158 -21.09 -11.48 -34.72
C ALA A 158 -21.32 -12.84 -34.07
N LEU A 159 -22.32 -12.97 -33.17
CA LEU A 159 -22.60 -14.24 -32.50
C LEU A 159 -23.73 -15.02 -33.16
N LYS A 160 -24.29 -14.50 -34.24
CA LYS A 160 -25.52 -15.09 -34.79
C LYS A 160 -25.34 -16.55 -35.21
N THR A 161 -24.16 -16.95 -35.68
CA THR A 161 -23.99 -18.35 -36.07
C THR A 161 -23.58 -19.26 -34.91
N LYS A 162 -23.55 -18.72 -33.70
CA LYS A 162 -22.99 -19.41 -32.54
C LYS A 162 -24.11 -19.66 -31.57
N ARG A 163 -24.08 -20.81 -30.90
CA ARG A 163 -25.15 -21.15 -29.98
C ARG A 163 -24.66 -20.80 -28.60
N ILE A 164 -25.11 -19.66 -28.11
CA ILE A 164 -24.60 -19.18 -26.81
C ILE A 164 -25.37 -19.87 -25.69
N ARG A 165 -24.67 -20.35 -24.68
CA ARG A 165 -25.29 -21.06 -23.55
C ARG A 165 -25.24 -20.17 -22.31
N ASP A 166 -24.28 -19.24 -22.26
CA ASP A 166 -24.14 -18.35 -21.10
C ASP A 166 -23.50 -17.00 -21.47
N ILE A 167 -23.80 -16.00 -20.66
CA ILE A 167 -23.31 -14.62 -20.85
C ILE A 167 -22.87 -13.97 -19.53
N ALA A 168 -21.94 -13.01 -19.63
CA ALA A 168 -21.57 -12.21 -18.47
C ALA A 168 -21.15 -10.82 -18.93
N CYS A 169 -21.36 -9.83 -18.05
CA CYS A 169 -20.91 -8.47 -18.33
C CYS A 169 -20.14 -7.93 -17.14
N GLY A 170 -19.06 -7.20 -17.42
CA GLY A 170 -18.41 -6.37 -16.44
C GLY A 170 -18.85 -4.94 -16.62
N SER A 171 -18.11 -4.01 -16.01
CA SER A 171 -18.41 -2.61 -16.23
C SER A 171 -17.91 -2.10 -17.58
N SER A 172 -16.90 -2.74 -18.18
CA SER A 172 -16.22 -2.23 -19.38
C SER A 172 -15.97 -3.29 -20.43
N HIS A 173 -16.38 -4.52 -20.19
CA HIS A 173 -16.22 -5.59 -21.17
C HIS A 173 -17.34 -6.60 -20.93
N SER A 174 -17.42 -7.57 -21.84
CA SER A 174 -18.54 -8.51 -21.89
C SER A 174 -18.03 -9.86 -22.35
N ALA A 175 -18.83 -10.89 -22.12
CA ALA A 175 -18.37 -12.23 -22.48
C ALA A 175 -19.57 -13.11 -22.83
N ALA A 176 -19.27 -14.16 -23.59
CA ALA A 176 -20.29 -15.14 -23.93
C ALA A 176 -19.61 -16.47 -24.19
N LEU A 177 -20.31 -17.55 -23.89
CA LEU A 177 -19.73 -18.86 -24.15
C LEU A 177 -20.71 -19.75 -24.92
N THR A 178 -20.15 -20.57 -25.81
CA THR A 178 -20.93 -21.41 -26.68
C THR A 178 -21.29 -22.71 -25.97
N SER A 179 -22.25 -23.43 -26.55
CA SER A 179 -22.56 -24.78 -26.05
C SER A 179 -21.37 -25.72 -26.16
N SER A 180 -20.51 -25.52 -27.15
CA SER A 180 -19.30 -26.35 -27.27
C SER A 180 -18.22 -25.94 -26.28
N GLY A 181 -18.40 -24.85 -25.55
CA GLY A 181 -17.46 -24.45 -24.52
C GLY A 181 -16.41 -23.43 -24.94
N GLU A 182 -16.56 -22.78 -26.10
CA GLU A 182 -15.66 -21.68 -26.45
C GLU A 182 -16.08 -20.39 -25.77
N LEU A 183 -15.10 -19.58 -25.41
CA LEU A 183 -15.34 -18.31 -24.72
C LEU A 183 -15.01 -17.16 -25.65
N TYR A 184 -15.92 -16.19 -25.72
CA TYR A 184 -15.72 -14.94 -26.45
C TYR A 184 -15.70 -13.80 -25.46
N THR A 185 -14.84 -12.82 -25.71
CA THR A 185 -14.81 -11.61 -24.91
C THR A 185 -14.70 -10.43 -25.86
N TRP A 186 -15.18 -9.27 -25.41
CA TRP A 186 -15.04 -8.03 -26.18
C TRP A 186 -15.17 -6.85 -25.23
N GLY A 187 -14.77 -5.67 -25.72
CA GLY A 187 -14.81 -4.48 -24.89
C GLY A 187 -13.42 -3.95 -24.59
N LEU A 188 -13.28 -3.27 -23.46
CA LEU A 188 -12.05 -2.56 -23.13
C LEU A 188 -10.88 -3.53 -22.98
N GLY A 189 -9.77 -3.25 -23.69
CA GLY A 189 -8.63 -4.16 -23.63
C GLY A 189 -7.67 -3.89 -22.49
N GLU A 190 -7.78 -2.71 -21.88
CA GLU A 190 -6.75 -2.26 -20.95
C GLU A 190 -6.63 -3.18 -19.75
N TYR A 191 -5.38 -3.43 -19.35
CA TYR A 191 -5.01 -4.27 -18.21
C TYR A 191 -5.31 -5.75 -18.44
N GLY A 192 -5.55 -6.16 -19.71
CA GLY A 192 -5.60 -7.56 -20.10
C GLY A 192 -6.89 -8.32 -19.85
N ARG A 193 -7.98 -7.64 -19.50
CA ARG A 193 -9.21 -8.34 -19.09
C ARG A 193 -9.83 -9.19 -20.19
N LEU A 194 -9.48 -8.98 -21.46
CA LEU A 194 -10.13 -9.75 -22.53
C LEU A 194 -9.46 -11.10 -22.75
N GLY A 195 -8.18 -11.22 -22.41
CA GLY A 195 -7.51 -12.51 -22.38
C GLY A 195 -6.90 -12.97 -23.68
N HIS A 196 -6.62 -12.06 -24.62
CA HIS A 196 -6.10 -12.39 -25.94
C HIS A 196 -4.59 -12.22 -26.07
N GLY A 197 -3.88 -12.02 -24.97
CA GLY A 197 -2.43 -11.91 -25.08
C GLY A 197 -1.91 -10.53 -25.41
N ASP A 198 -2.78 -9.52 -25.41
CA ASP A 198 -2.38 -8.12 -25.57
C ASP A 198 -3.38 -7.28 -24.77
N ASN A 199 -3.28 -5.96 -24.90
CA ASN A 199 -4.20 -5.07 -24.20
C ASN A 199 -5.15 -4.33 -25.14
N THR A 200 -5.42 -4.91 -26.30
CA THR A 200 -6.12 -4.17 -27.35
C THR A 200 -7.63 -4.26 -27.14
N THR A 201 -8.29 -3.11 -27.25
CA THR A 201 -9.75 -3.09 -27.20
C THR A 201 -10.33 -3.84 -28.38
N GLN A 202 -11.40 -4.60 -28.14
CA GLN A 202 -12.08 -5.36 -29.19
C GLN A 202 -13.53 -4.88 -29.31
N LEU A 203 -13.91 -4.36 -30.47
CA LEU A 203 -15.24 -3.80 -30.63
C LEU A 203 -16.28 -4.86 -31.03
N LYS A 204 -15.82 -6.10 -31.21
CA LYS A 204 -16.66 -7.23 -31.64
C LYS A 204 -16.20 -8.43 -30.83
N PRO A 205 -17.07 -9.43 -30.59
CA PRO A 205 -16.69 -10.64 -29.84
C PRO A 205 -15.46 -11.29 -30.46
N LYS A 206 -14.54 -11.74 -29.60
CA LYS A 206 -13.32 -12.40 -30.05
C LYS A 206 -13.08 -13.65 -29.21
N MET A 207 -12.82 -14.78 -29.88
CA MET A 207 -12.61 -16.02 -29.15
C MET A 207 -11.30 -16.01 -28.37
N VAL A 208 -11.35 -16.52 -27.13
CA VAL A 208 -10.15 -16.65 -26.29
C VAL A 208 -9.48 -17.99 -26.65
N LYS A 209 -8.48 -17.88 -27.53
CA LYS A 209 -7.79 -19.03 -28.12
C LYS A 209 -7.03 -19.88 -27.07
N VAL A 210 -6.52 -19.27 -26.00
CA VAL A 210 -5.76 -20.00 -24.97
C VAL A 210 -6.60 -21.09 -24.32
N LEU A 211 -7.90 -20.88 -24.18
CA LEU A 211 -8.75 -21.83 -23.50
C LEU A 211 -9.35 -22.88 -24.43
N LEU A 212 -8.97 -22.88 -25.72
CA LEU A 212 -9.42 -23.96 -26.58
C LEU A 212 -8.84 -25.28 -26.09
N GLY A 213 -9.65 -26.34 -26.14
CA GLY A 213 -9.30 -27.58 -25.46
C GLY A 213 -9.81 -27.70 -24.03
N HIS A 214 -10.27 -26.62 -23.41
CA HIS A 214 -11.09 -26.65 -22.20
C HIS A 214 -12.53 -26.29 -22.56
N ARG A 215 -13.49 -27.02 -21.99
CA ARG A 215 -14.90 -26.66 -22.15
C ARG A 215 -15.24 -25.65 -21.05
N VAL A 216 -15.31 -24.38 -21.42
CA VAL A 216 -15.67 -23.34 -20.47
C VAL A 216 -17.18 -23.35 -20.26
N ILE A 217 -17.62 -23.40 -19.00
CA ILE A 217 -19.04 -23.46 -18.70
C ILE A 217 -19.54 -22.24 -17.96
N GLN A 218 -18.66 -21.38 -17.49
CA GLN A 218 -19.13 -20.18 -16.81
C GLN A 218 -18.04 -19.14 -16.89
N VAL A 219 -18.45 -17.87 -16.88
CA VAL A 219 -17.51 -16.76 -16.95
C VAL A 219 -18.08 -15.64 -16.10
N ALA A 220 -17.19 -14.88 -15.45
CA ALA A 220 -17.59 -13.71 -14.69
C ALA A 220 -16.63 -12.57 -15.00
N CYS A 221 -17.14 -11.33 -14.98
CA CYS A 221 -16.35 -10.16 -15.38
C CYS A 221 -16.42 -9.10 -14.30
N GLY A 222 -15.28 -8.43 -14.03
CA GLY A 222 -15.21 -7.41 -13.00
C GLY A 222 -15.47 -6.00 -13.51
N SER A 223 -15.26 -5.02 -12.62
CA SER A 223 -15.46 -3.61 -12.96
C SER A 223 -14.18 -2.80 -12.75
N ARG A 224 -14.23 -1.54 -13.23
CA ARG A 224 -13.11 -0.61 -13.24
C ARG A 224 -11.87 -1.34 -13.79
N ASP A 225 -10.73 -1.30 -13.11
CA ASP A 225 -9.58 -2.07 -13.59
C ASP A 225 -9.87 -3.51 -13.25
N ALA A 226 -10.38 -4.27 -14.23
CA ALA A 226 -11.20 -5.44 -13.99
C ALA A 226 -10.44 -6.74 -14.23
N GLN A 227 -10.83 -7.77 -13.47
CA GLN A 227 -10.43 -9.15 -13.72
C GLN A 227 -11.53 -9.84 -14.55
N THR A 228 -11.21 -11.04 -15.06
CA THR A 228 -12.16 -11.97 -15.64
C THR A 228 -11.88 -13.35 -15.04
N LEU A 229 -12.95 -14.10 -14.77
CA LEU A 229 -12.86 -15.48 -14.26
C LEU A 229 -13.56 -16.42 -15.24
N ALA A 230 -13.05 -17.64 -15.39
CA ALA A 230 -13.78 -18.63 -16.17
C ALA A 230 -13.73 -19.97 -15.46
N LEU A 231 -14.76 -20.78 -15.67
CA LEU A 231 -14.89 -22.10 -15.06
C LEU A 231 -15.02 -23.15 -16.15
N THR A 232 -14.27 -24.24 -16.06
CA THR A 232 -14.39 -25.35 -17.01
C THR A 232 -15.21 -26.48 -16.40
N ASP A 233 -15.62 -27.43 -17.26
CA ASP A 233 -16.40 -28.56 -16.80
C ASP A 233 -15.57 -29.55 -16.01
N GLU A 234 -14.26 -29.38 -15.94
CA GLU A 234 -13.43 -30.14 -15.02
C GLU A 234 -13.24 -29.44 -13.69
N GLY A 235 -13.97 -28.34 -13.46
CA GLY A 235 -13.84 -27.60 -12.24
C GLY A 235 -12.62 -26.70 -12.14
N LEU A 236 -11.87 -26.51 -13.23
CA LEU A 236 -10.74 -25.59 -13.23
C LEU A 236 -11.21 -24.15 -13.31
N VAL A 237 -10.64 -23.29 -12.47
CA VAL A 237 -10.93 -21.86 -12.51
C VAL A 237 -9.71 -21.14 -13.10
N PHE A 238 -9.94 -20.28 -14.10
CA PHE A 238 -8.92 -19.45 -14.71
C PHE A 238 -9.25 -17.99 -14.43
N SER A 239 -8.21 -17.16 -14.35
CA SER A 239 -8.36 -15.72 -14.12
C SER A 239 -7.35 -14.97 -14.96
N TRP A 240 -7.72 -13.75 -15.35
CA TRP A 240 -6.81 -12.85 -16.05
C TRP A 240 -7.31 -11.43 -15.93
N GLY A 241 -6.53 -10.51 -16.45
CA GLY A 241 -6.86 -9.10 -16.36
C GLY A 241 -6.10 -8.39 -15.26
N ASP A 242 -6.73 -7.40 -14.66
CA ASP A 242 -6.01 -6.52 -13.75
C ASP A 242 -5.69 -7.24 -12.45
N GLY A 243 -4.47 -7.03 -11.93
CA GLY A 243 -4.02 -7.77 -10.79
C GLY A 243 -4.20 -7.07 -9.46
N ASP A 244 -4.67 -5.81 -9.43
CA ASP A 244 -4.70 -5.04 -8.18
C ASP A 244 -5.46 -5.82 -7.11
N PHE A 245 -4.95 -5.76 -5.87
CA PHE A 245 -5.53 -6.31 -4.67
C PHE A 245 -5.58 -7.82 -4.64
N GLY A 246 -4.90 -8.50 -5.57
CA GLY A 246 -4.90 -9.96 -5.53
C GLY A 246 -6.16 -10.61 -6.03
N LYS A 247 -7.02 -9.88 -6.77
CA LYS A 247 -8.29 -10.46 -7.19
C LYS A 247 -8.14 -11.52 -8.27
N LEU A 248 -6.95 -11.68 -8.85
CA LEU A 248 -6.70 -12.82 -9.72
C LEU A 248 -6.45 -14.10 -8.95
N GLY A 249 -6.16 -14.00 -7.64
CA GLY A 249 -6.04 -15.15 -6.77
C GLY A 249 -4.76 -15.94 -6.86
N ARG A 250 -3.70 -15.38 -7.45
CA ARG A 250 -2.41 -16.05 -7.50
C ARG A 250 -1.33 -15.28 -6.74
N GLY A 251 -1.73 -14.46 -5.76
CA GLY A 251 -0.76 -13.76 -4.95
C GLY A 251 -0.35 -12.43 -5.56
N GLY A 252 0.15 -11.53 -4.69
CA GLY A 252 0.70 -10.26 -5.17
C GLY A 252 -0.33 -9.43 -5.93
N SER A 253 0.12 -8.75 -7.00
CA SER A 253 -0.76 -7.79 -7.67
C SER A 253 -0.49 -7.66 -9.17
N GLU A 254 0.21 -8.60 -9.77
CA GLU A 254 0.59 -8.47 -11.16
C GLU A 254 -0.55 -8.89 -12.07
N GLY A 255 -0.88 -8.06 -13.04
CA GLY A 255 -1.92 -8.43 -13.97
C GLY A 255 -1.41 -9.37 -15.06
N CYS A 256 -2.32 -9.93 -15.86
CA CYS A 256 -1.89 -10.69 -17.02
C CYS A 256 -2.97 -10.59 -18.09
N ASN A 257 -2.58 -10.81 -19.34
CA ASN A 257 -3.55 -10.75 -20.42
C ASN A 257 -3.79 -12.11 -21.04
N ILE A 258 -3.39 -13.17 -20.33
CA ILE A 258 -3.51 -14.56 -20.76
C ILE A 258 -4.20 -15.33 -19.63
N PRO A 259 -5.23 -16.13 -19.90
CA PRO A 259 -5.85 -16.91 -18.81
C PRO A 259 -4.84 -17.77 -18.07
N GLN A 260 -4.91 -17.76 -16.72
CA GLN A 260 -4.05 -18.61 -15.90
C GLN A 260 -4.89 -19.37 -14.90
N ASN A 261 -4.51 -20.62 -14.64
CA ASN A 261 -5.24 -21.46 -13.69
C ASN A 261 -5.04 -20.95 -12.27
N ILE A 262 -6.13 -20.78 -11.51
CA ILE A 262 -6.03 -20.51 -10.07
C ILE A 262 -5.86 -21.86 -9.39
N GLU A 263 -4.61 -22.21 -9.06
CA GLU A 263 -4.30 -23.55 -8.58
C GLU A 263 -5.02 -23.86 -7.28
N ARG A 264 -5.18 -22.87 -6.41
CA ARG A 264 -5.79 -23.07 -5.10
C ARG A 264 -7.16 -23.74 -5.20
N LEU A 265 -7.91 -23.51 -6.29
CA LEU A 265 -9.28 -23.99 -6.39
C LEU A 265 -9.40 -25.32 -7.12
N ASN A 266 -8.30 -25.85 -7.66
CA ASN A 266 -8.37 -27.16 -8.29
C ASN A 266 -8.86 -28.21 -7.30
N GLY A 267 -9.69 -29.13 -7.80
CA GLY A 267 -10.20 -30.19 -6.96
C GLY A 267 -11.25 -29.77 -5.94
N GLN A 268 -11.68 -28.50 -5.92
CA GLN A 268 -12.63 -28.05 -4.93
C GLN A 268 -14.09 -28.17 -5.39
N GLY A 269 -14.34 -28.55 -6.64
CA GLY A 269 -15.69 -28.61 -7.14
C GLY A 269 -16.41 -27.28 -7.27
N VAL A 270 -15.69 -26.20 -7.63
CA VAL A 270 -16.31 -24.90 -7.88
C VAL A 270 -17.40 -25.04 -8.93
N CYS A 271 -18.58 -24.48 -8.64
CA CYS A 271 -19.69 -24.54 -9.58
C CYS A 271 -20.28 -23.17 -9.90
N GLN A 272 -19.78 -22.12 -9.27
CA GLN A 272 -20.27 -20.79 -9.57
C GLN A 272 -19.16 -19.79 -9.26
N ILE A 273 -18.99 -18.83 -10.16
CA ILE A 273 -17.97 -17.78 -10.01
C ILE A 273 -18.63 -16.43 -10.23
N GLU A 274 -18.15 -15.40 -9.50
CA GLU A 274 -18.71 -14.06 -9.57
C GLU A 274 -17.60 -13.05 -9.33
N CYS A 275 -17.77 -11.84 -9.88
CA CYS A 275 -16.84 -10.73 -9.63
C CYS A 275 -17.63 -9.53 -9.13
N GLY A 276 -17.28 -9.03 -7.93
CA GLY A 276 -17.82 -7.79 -7.40
C GLY A 276 -16.94 -6.63 -7.83
N ALA A 277 -16.91 -5.56 -7.04
CA ALA A 277 -15.96 -4.46 -7.30
C ALA A 277 -14.61 -4.82 -6.70
N GLN A 278 -13.63 -5.12 -7.58
CA GLN A 278 -12.24 -5.42 -7.22
C GLN A 278 -12.10 -6.72 -6.39
N PHE A 279 -13.09 -7.63 -6.44
CA PHE A 279 -12.93 -8.91 -5.74
C PHE A 279 -13.66 -10.01 -6.49
N SER A 280 -13.33 -11.24 -6.09
CA SER A 280 -13.75 -12.47 -6.76
C SER A 280 -14.33 -13.42 -5.72
N LEU A 281 -15.25 -14.27 -6.16
CA LEU A 281 -16.00 -15.17 -5.30
C LEU A 281 -16.25 -16.46 -6.05
N ALA A 282 -16.05 -17.59 -5.36
CA ALA A 282 -16.42 -18.89 -5.92
C ALA A 282 -17.30 -19.65 -4.92
N LEU A 283 -18.25 -20.42 -5.45
CA LEU A 283 -19.06 -21.33 -4.66
C LEU A 283 -18.82 -22.77 -5.13
N THR A 284 -18.75 -23.73 -4.20
CA THR A 284 -18.52 -25.12 -4.59
C THR A 284 -19.81 -25.91 -4.50
N LYS A 285 -19.81 -27.07 -5.17
CA LYS A 285 -20.94 -28.01 -5.11
C LYS A 285 -21.21 -28.48 -3.69
N SER A 286 -20.17 -28.56 -2.85
CA SER A 286 -20.38 -28.96 -1.48
C SER A 286 -20.86 -27.81 -0.59
N GLY A 287 -20.97 -26.58 -1.10
CA GLY A 287 -21.57 -25.49 -0.34
C GLY A 287 -20.60 -24.51 0.27
N VAL A 288 -19.33 -24.55 -0.11
CA VAL A 288 -18.26 -23.74 0.47
C VAL A 288 -18.09 -22.50 -0.37
N VAL A 289 -17.93 -21.34 0.28
CA VAL A 289 -17.69 -20.06 -0.40
C VAL A 289 -16.25 -19.64 -0.19
N TRP A 290 -15.58 -19.27 -1.27
CA TRP A 290 -14.22 -18.72 -1.27
C TRP A 290 -14.27 -17.28 -1.79
N THR A 291 -13.51 -16.38 -1.18
CA THR A 291 -13.44 -15.02 -1.68
C THR A 291 -11.99 -14.57 -1.67
N TRP A 292 -11.69 -13.60 -2.54
CA TRP A 292 -10.35 -13.02 -2.56
C TRP A 292 -10.39 -11.68 -3.29
N GLY A 293 -9.41 -10.84 -2.99
CA GLY A 293 -9.33 -9.54 -3.64
C GLY A 293 -9.27 -8.38 -2.66
N LYS A 294 -9.85 -7.25 -3.05
CA LYS A 294 -9.80 -6.05 -2.22
C LYS A 294 -10.66 -6.22 -0.98
N GLY A 295 -10.11 -5.88 0.17
CA GLY A 295 -10.77 -6.10 1.44
C GLY A 295 -11.55 -4.94 1.99
N ASP A 296 -11.31 -3.73 1.50
CA ASP A 296 -11.91 -2.51 2.06
C ASP A 296 -13.41 -2.67 2.27
N TYR A 297 -13.88 -2.22 3.43
CA TYR A 297 -15.30 -2.25 3.76
C TYR A 297 -15.87 -3.65 3.90
N PHE A 298 -14.99 -4.65 4.10
CA PHE A 298 -15.37 -5.99 4.54
C PHE A 298 -16.09 -6.79 3.48
N ARG A 299 -15.91 -6.44 2.20
CA ARG A 299 -16.63 -7.12 1.12
C ARG A 299 -16.28 -8.60 1.01
N LEU A 300 -15.13 -9.04 1.55
CA LEU A 300 -14.69 -10.42 1.42
C LEU A 300 -15.30 -11.37 2.45
N GLY A 301 -15.78 -10.88 3.59
CA GLY A 301 -16.46 -11.72 4.57
C GLY A 301 -15.59 -12.41 5.60
N HIS A 302 -14.30 -12.08 5.68
CA HIS A 302 -13.38 -12.77 6.58
C HIS A 302 -13.24 -12.11 7.94
N GLY A 303 -13.97 -11.03 8.20
CA GLY A 303 -13.98 -10.39 9.49
C GLY A 303 -13.03 -9.22 9.63
N SER A 304 -12.10 -9.05 8.69
CA SER A 304 -11.21 -7.91 8.69
C SER A 304 -11.31 -7.23 7.33
N ASP A 305 -10.71 -6.05 7.17
CA ASP A 305 -10.80 -5.39 5.87
C ASP A 305 -9.48 -5.47 5.09
N VAL A 306 -8.62 -6.43 5.43
CA VAL A 306 -7.37 -6.58 4.71
C VAL A 306 -7.62 -7.27 3.36
N HIS A 307 -6.71 -7.04 2.41
CA HIS A 307 -6.82 -7.74 1.14
C HIS A 307 -6.46 -9.21 1.32
N VAL A 308 -6.93 -10.03 0.39
CA VAL A 308 -6.71 -11.47 0.39
C VAL A 308 -6.30 -11.85 -1.04
N ARG A 309 -5.04 -12.28 -1.22
CA ARG A 309 -4.51 -12.38 -2.59
C ARG A 309 -4.52 -13.79 -3.18
N LYS A 310 -5.01 -14.77 -2.43
CA LYS A 310 -5.27 -16.10 -2.93
C LYS A 310 -6.59 -16.53 -2.30
N PRO A 311 -7.36 -17.40 -2.97
CA PRO A 311 -8.71 -17.72 -2.47
C PRO A 311 -8.67 -18.23 -1.03
N GLN A 312 -9.58 -17.72 -0.21
CA GLN A 312 -9.74 -18.18 1.17
C GLN A 312 -11.19 -18.50 1.48
N VAL A 313 -11.41 -19.64 2.15
CA VAL A 313 -12.75 -20.04 2.54
C VAL A 313 -13.34 -19.00 3.49
N VAL A 314 -14.61 -18.66 3.26
CA VAL A 314 -15.36 -17.80 4.17
C VAL A 314 -15.74 -18.64 5.39
N GLU A 315 -14.93 -18.55 6.45
CA GLU A 315 -15.10 -19.42 7.60
C GLU A 315 -16.45 -19.21 8.28
N GLY A 316 -17.03 -18.01 8.20
CA GLY A 316 -18.28 -17.71 8.86
C GLY A 316 -19.48 -18.46 8.31
N LEU A 317 -19.33 -19.08 7.14
CA LEU A 317 -20.35 -19.94 6.56
C LEU A 317 -20.00 -21.42 6.68
N ARG A 318 -18.92 -21.77 7.35
CA ARG A 318 -18.56 -23.18 7.48
C ARG A 318 -19.70 -23.97 8.13
N GLY A 319 -20.05 -25.09 7.51
CA GLY A 319 -21.13 -25.89 8.03
C GLY A 319 -22.52 -25.48 7.56
N LYS A 320 -22.60 -24.39 6.80
CA LYS A 320 -23.87 -24.00 6.16
C LYS A 320 -23.64 -24.27 4.68
N LYS A 321 -24.43 -25.15 4.10
CA LYS A 321 -24.35 -25.49 2.67
C LYS A 321 -24.94 -24.33 1.87
N ILE A 322 -24.13 -23.69 1.24
CA ILE A 322 -24.64 -22.60 0.41
C ILE A 322 -25.03 -23.13 -0.97
N VAL A 323 -26.19 -22.71 -1.47
CA VAL A 323 -26.67 -23.19 -2.77
C VAL A 323 -26.72 -22.11 -3.83
N HIS A 324 -26.63 -20.84 -3.47
CA HIS A 324 -26.58 -19.77 -4.45
C HIS A 324 -25.92 -18.57 -3.81
N VAL A 325 -25.22 -17.78 -4.64
CA VAL A 325 -24.53 -16.58 -4.17
C VAL A 325 -24.76 -15.45 -5.16
N ALA A 326 -24.55 -14.23 -4.68
CA ALA A 326 -24.62 -13.04 -5.52
C ALA A 326 -23.68 -12.01 -4.93
N VAL A 327 -23.12 -11.15 -5.79
CA VAL A 327 -22.22 -10.11 -5.31
C VAL A 327 -22.72 -8.78 -5.85
N GLY A 328 -22.63 -7.75 -5.02
CA GLY A 328 -22.76 -6.39 -5.47
C GLY A 328 -21.40 -5.76 -5.58
N ALA A 329 -21.36 -4.43 -5.49
CA ALA A 329 -20.06 -3.75 -5.49
C ALA A 329 -19.25 -4.13 -4.25
N LEU A 330 -19.82 -3.93 -3.06
CA LEU A 330 -19.09 -4.08 -1.81
C LEU A 330 -19.80 -4.99 -0.83
N HIS A 331 -20.78 -5.76 -1.33
CA HIS A 331 -21.53 -6.68 -0.49
C HIS A 331 -21.79 -7.98 -1.24
N CYS A 332 -22.06 -9.02 -0.45
CA CYS A 332 -22.38 -10.36 -0.94
C CYS A 332 -23.61 -10.91 -0.23
N LEU A 333 -24.35 -11.78 -0.94
CA LEU A 333 -25.47 -12.53 -0.39
C LEU A 333 -25.24 -14.03 -0.63
N ALA A 334 -25.59 -14.86 0.34
CA ALA A 334 -25.49 -16.31 0.15
C ALA A 334 -26.71 -16.98 0.75
N VAL A 335 -27.28 -17.96 0.02
CA VAL A 335 -28.51 -18.66 0.42
C VAL A 335 -28.14 -20.07 0.85
N THR A 336 -28.66 -20.51 2.00
CA THR A 336 -28.46 -21.88 2.43
C THR A 336 -29.48 -22.82 1.77
N ASP A 337 -29.24 -24.13 1.92
CA ASP A 337 -30.19 -25.11 1.40
C ASP A 337 -31.51 -25.11 2.16
N SER A 338 -31.57 -24.46 3.32
CA SER A 338 -32.80 -24.34 4.08
C SER A 338 -33.49 -23.00 3.83
N GLY A 339 -32.99 -22.23 2.88
CA GLY A 339 -33.64 -21.00 2.47
C GLY A 339 -33.27 -19.78 3.27
N GLN A 340 -32.19 -19.82 4.05
CA GLN A 340 -31.80 -18.63 4.79
C GLN A 340 -30.77 -17.83 4.00
N VAL A 341 -30.82 -16.52 4.16
CA VAL A 341 -29.93 -15.61 3.42
C VAL A 341 -28.94 -15.01 4.40
N TYR A 342 -27.64 -15.09 4.06
CA TYR A 342 -26.57 -14.43 4.81
C TYR A 342 -26.00 -13.30 3.98
N ALA A 343 -25.65 -12.18 4.64
CA ALA A 343 -25.03 -11.06 3.94
C ALA A 343 -23.74 -10.67 4.65
N TRP A 344 -22.78 -10.12 3.89
CA TRP A 344 -21.66 -9.46 4.51
C TRP A 344 -21.22 -8.30 3.63
N GLY A 345 -20.51 -7.35 4.25
CA GLY A 345 -19.90 -6.24 3.56
C GLY A 345 -20.47 -4.88 3.92
N ASP A 346 -20.42 -3.95 2.97
CA ASP A 346 -20.74 -2.56 3.28
C ASP A 346 -22.24 -2.35 3.42
N ASN A 347 -22.61 -1.33 4.18
CA ASN A 347 -24.01 -1.13 4.49
C ASN A 347 -24.40 0.35 4.52
N ASP A 348 -23.68 1.20 3.78
CA ASP A 348 -24.06 2.62 3.75
C ASP A 348 -25.53 2.84 3.42
N HIS A 349 -26.14 1.96 2.60
CA HIS A 349 -27.51 2.18 2.14
C HIS A 349 -28.48 1.08 2.59
N GLY A 350 -28.12 0.30 3.60
CA GLY A 350 -29.01 -0.75 4.07
C GLY A 350 -28.91 -2.05 3.31
N GLN A 351 -27.97 -2.18 2.36
CA GLN A 351 -28.00 -3.35 1.49
C GLN A 351 -27.64 -4.64 2.23
N GLN A 352 -27.14 -4.57 3.47
CA GLN A 352 -26.96 -5.81 4.27
C GLN A 352 -28.29 -6.39 4.76
N GLY A 353 -29.34 -5.61 4.84
CA GLY A 353 -30.59 -6.13 5.37
C GLY A 353 -30.54 -6.51 6.83
N ASN A 354 -29.76 -5.77 7.65
CA ASN A 354 -29.71 -6.03 9.08
C ASN A 354 -30.47 -4.95 9.86
N GLY A 355 -31.33 -4.19 9.18
CA GLY A 355 -32.10 -3.16 9.87
C GLY A 355 -31.36 -1.88 10.18
N THR A 356 -30.04 -1.82 9.90
CA THR A 356 -29.24 -0.65 10.21
C THR A 356 -28.41 -0.21 9.01
N THR A 357 -27.41 0.65 9.24
CA THR A 357 -26.40 0.92 8.23
C THR A 357 -25.02 0.49 8.74
N THR A 358 -25.00 -0.46 9.68
CA THR A 358 -23.74 -0.97 10.19
C THR A 358 -23.21 -2.05 9.26
N VAL A 359 -21.93 -1.95 8.92
CA VAL A 359 -21.27 -2.97 8.12
C VAL A 359 -21.44 -4.35 8.77
N ASN A 360 -21.56 -5.38 7.94
CA ASN A 360 -21.47 -6.77 8.42
C ASN A 360 -20.05 -7.23 8.14
N ARG A 361 -19.23 -7.36 9.18
CA ARG A 361 -17.86 -7.78 8.98
C ARG A 361 -17.74 -9.27 8.66
N LYS A 362 -18.68 -10.10 9.13
CA LYS A 362 -18.74 -11.53 8.86
C LYS A 362 -20.14 -11.84 8.38
N PRO A 363 -20.34 -12.99 7.72
CA PRO A 363 -21.70 -13.29 7.22
C PRO A 363 -22.70 -13.27 8.37
N THR A 364 -23.82 -12.60 8.12
CA THR A 364 -24.83 -12.29 9.12
C THR A 364 -26.21 -12.61 8.52
N LEU A 365 -27.04 -13.25 9.32
CA LEU A 365 -28.38 -13.59 8.89
C LEU A 365 -29.18 -12.33 8.58
N VAL A 366 -29.78 -12.29 7.38
CA VAL A 366 -30.63 -11.18 6.98
C VAL A 366 -31.98 -11.28 7.69
N GLN A 367 -32.53 -10.15 8.12
CA GLN A 367 -33.82 -10.16 8.84
C GLN A 367 -35.02 -10.10 7.89
N GLY A 368 -36.20 -10.52 8.35
CA GLY A 368 -37.43 -10.31 7.58
C GLY A 368 -37.78 -11.39 6.57
N LEU A 369 -37.06 -12.48 6.54
CA LEU A 369 -37.34 -13.47 5.51
C LEU A 369 -37.75 -14.81 6.11
N GLU A 370 -37.98 -14.89 7.41
CA GLU A 370 -38.30 -16.18 8.01
C GLU A 370 -39.64 -16.70 7.49
N GLY A 371 -39.68 -17.98 7.16
CA GLY A 371 -40.84 -18.55 6.52
C GLY A 371 -40.89 -18.36 5.02
N GLN A 372 -39.97 -17.59 4.46
CA GLN A 372 -39.78 -17.44 3.02
C GLN A 372 -38.61 -18.33 2.63
N LYS A 373 -38.90 -19.40 1.92
CA LYS A 373 -37.84 -20.30 1.49
C LYS A 373 -37.18 -19.68 0.26
N ILE A 374 -36.19 -18.82 0.50
CA ILE A 374 -35.43 -18.18 -0.57
C ILE A 374 -34.63 -19.23 -1.31
N THR A 375 -34.74 -19.20 -2.64
CA THR A 375 -33.93 -20.09 -3.47
C THR A 375 -32.80 -19.41 -4.22
N ARG A 376 -32.93 -18.11 -4.46
CA ARG A 376 -31.93 -17.39 -5.26
C ARG A 376 -31.75 -15.96 -4.75
N VAL A 377 -30.55 -15.42 -4.90
CA VAL A 377 -30.34 -14.03 -4.60
C VAL A 377 -29.69 -13.28 -5.76
N ALA A 378 -29.78 -11.96 -5.69
CA ALA A 378 -29.14 -11.06 -6.65
C ALA A 378 -28.73 -9.77 -5.95
N CYS A 379 -27.76 -9.09 -6.55
CA CYS A 379 -27.33 -7.79 -6.08
C CYS A 379 -27.11 -6.85 -7.25
N GLY A 380 -27.35 -5.56 -7.02
CA GLY A 380 -26.82 -4.50 -7.84
C GLY A 380 -25.74 -3.75 -7.09
N SER A 381 -25.44 -2.52 -7.57
CA SER A 381 -24.34 -1.73 -7.01
C SER A 381 -24.43 -1.62 -5.49
N SER A 382 -25.60 -1.23 -4.99
CA SER A 382 -25.81 -0.95 -3.57
C SER A 382 -27.18 -1.46 -3.12
N HIS A 383 -27.67 -2.51 -3.75
CA HIS A 383 -29.01 -3.01 -3.48
C HIS A 383 -29.03 -4.52 -3.62
N SER A 384 -30.10 -5.13 -3.10
CA SER A 384 -30.13 -6.56 -2.83
C SER A 384 -31.51 -7.13 -3.10
N VAL A 385 -31.54 -8.38 -3.55
CA VAL A 385 -32.78 -9.07 -3.95
C VAL A 385 -32.70 -10.52 -3.48
N ALA A 386 -33.84 -11.07 -3.05
CA ALA A 386 -34.02 -12.48 -2.71
C ALA A 386 -35.38 -12.92 -3.21
N TRP A 387 -35.45 -14.09 -3.83
CA TRP A 387 -36.73 -14.61 -4.29
C TRP A 387 -36.86 -16.11 -4.06
N THR A 388 -38.12 -16.56 -4.08
CA THR A 388 -38.50 -17.94 -3.86
C THR A 388 -38.89 -18.57 -5.19
N THR A 389 -38.92 -19.90 -5.24
CA THR A 389 -39.48 -20.57 -6.43
C THR A 389 -40.38 -21.73 -6.05
N THR B 22 -8.55 13.50 -12.83
CA THR B 22 -7.19 13.16 -12.37
C THR B 22 -7.11 13.04 -10.85
N LYS B 23 -6.52 11.96 -10.35
CA LYS B 23 -6.29 11.79 -8.92
C LYS B 23 -4.83 12.11 -8.63
N VAL B 24 -4.60 13.04 -7.72
CA VAL B 24 -3.24 13.54 -7.41
C VAL B 24 -2.88 13.18 -5.98
N PHE B 25 -1.67 12.65 -5.81
CA PHE B 25 -1.11 12.29 -4.51
C PHE B 25 0.18 13.08 -4.29
N VAL B 26 0.37 13.55 -3.05
CA VAL B 26 1.53 14.38 -2.69
C VAL B 26 2.14 13.85 -1.40
N TRP B 27 3.44 14.10 -1.23
CA TRP B 27 4.12 13.73 0.00
C TRP B 27 5.44 14.50 0.06
N GLY B 28 6.07 14.44 1.23
CA GLY B 28 7.31 15.16 1.47
C GLY B 28 7.15 16.39 2.35
N LEU B 29 8.05 17.37 2.19
CA LEU B 29 8.05 18.53 3.09
C LEU B 29 6.81 19.39 2.86
N ASN B 30 6.23 19.86 3.96
CA ASN B 30 4.97 20.61 3.96
C ASN B 30 5.01 21.78 4.94
N ASP B 31 6.21 22.27 5.28
CA ASP B 31 6.36 23.28 6.30
C ASP B 31 5.79 24.62 5.86
N LYS B 32 5.67 24.84 4.55
CA LYS B 32 5.08 26.05 4.00
C LYS B 32 3.76 25.73 3.28
N ASP B 33 3.16 24.58 3.56
CA ASP B 33 1.93 24.13 2.89
C ASP B 33 2.11 24.04 1.38
N GLN B 34 3.32 23.69 0.96
CA GLN B 34 3.56 23.49 -0.48
C GLN B 34 2.83 22.27 -1.02
N LEU B 35 2.34 21.37 -0.17
CA LEU B 35 1.55 20.24 -0.64
C LEU B 35 0.06 20.60 -0.81
N GLY B 36 -0.34 21.81 -0.44
CA GLY B 36 -1.63 22.35 -0.84
C GLY B 36 -2.82 22.02 0.03
N GLY B 37 -2.61 21.59 1.27
CA GLY B 37 -3.76 21.46 2.16
C GLY B 37 -3.72 20.23 3.03
N LEU B 38 -2.54 19.87 3.52
CA LEU B 38 -2.42 18.68 4.38
C LEU B 38 -1.92 19.10 5.76
N LYS B 39 -2.31 18.34 6.76
CA LYS B 39 -1.82 18.60 8.13
C LYS B 39 -0.52 17.83 8.33
N GLY B 40 0.48 18.49 8.88
CA GLY B 40 1.79 17.86 9.09
C GLY B 40 2.87 18.61 8.36
N SER B 41 4.09 18.58 8.88
CA SER B 41 5.19 19.22 8.16
C SER B 41 6.02 18.25 7.31
N LYS B 42 5.95 16.94 7.60
CA LYS B 42 6.64 15.90 6.84
C LYS B 42 5.61 14.82 6.48
N ILE B 43 5.12 14.81 5.24
CA ILE B 43 4.17 13.79 4.82
C ILE B 43 4.95 12.60 4.27
N LYS B 44 4.97 11.50 5.01
CA LYS B 44 5.85 10.38 4.68
C LYS B 44 5.23 9.31 3.83
N VAL B 45 3.94 9.43 3.50
CA VAL B 45 3.25 8.46 2.67
C VAL B 45 2.44 9.25 1.63
N PRO B 46 2.36 8.79 0.38
CA PRO B 46 1.57 9.54 -0.62
C PRO B 46 0.17 9.76 -0.09
N SER B 47 -0.30 10.99 -0.19
CA SER B 47 -1.58 11.34 0.40
C SER B 47 -2.43 12.02 -0.65
N PHE B 48 -3.67 11.57 -0.76
CA PHE B 48 -4.59 12.14 -1.73
C PHE B 48 -4.78 13.63 -1.48
N SER B 49 -4.66 14.42 -2.54
CA SER B 49 -4.84 15.87 -2.48
C SER B 49 -6.21 16.19 -3.07
N GLU B 50 -7.19 16.50 -2.21
CA GLU B 50 -8.49 16.92 -2.74
C GLU B 50 -8.37 18.15 -3.61
N THR B 51 -7.55 19.12 -3.22
CA THR B 51 -7.50 20.40 -3.94
C THR B 51 -6.89 20.24 -5.34
N LEU B 52 -5.73 19.60 -5.44
CA LEU B 52 -5.13 19.40 -6.75
C LEU B 52 -5.96 18.44 -7.59
N SER B 53 -6.54 17.40 -6.98
CA SER B 53 -7.34 16.47 -7.78
C SER B 53 -8.57 17.17 -8.36
N ALA B 54 -9.08 18.20 -7.68
CA ALA B 54 -10.23 18.92 -8.20
C ALA B 54 -9.91 19.78 -9.41
N LEU B 55 -8.62 20.01 -9.72
CA LEU B 55 -8.26 20.93 -10.78
C LEU B 55 -8.21 20.33 -12.17
N ASN B 56 -8.20 19.01 -12.32
CA ASN B 56 -8.01 18.36 -13.63
C ASN B 56 -6.66 18.73 -14.23
N VAL B 57 -5.58 18.35 -13.52
CA VAL B 57 -4.23 18.77 -13.89
C VAL B 57 -3.75 18.03 -15.13
N VAL B 58 -3.08 18.75 -16.03
CA VAL B 58 -2.27 18.13 -17.07
C VAL B 58 -0.77 18.22 -16.76
N GLN B 59 -0.38 19.11 -15.85
CA GLN B 59 1.05 19.27 -15.50
C GLN B 59 1.20 19.83 -14.10
N VAL B 60 2.09 19.24 -13.32
CA VAL B 60 2.47 19.73 -12.00
C VAL B 60 3.99 19.89 -12.02
N ALA B 61 4.49 20.95 -11.38
CA ALA B 61 5.92 21.14 -11.26
C ALA B 61 6.21 21.75 -9.90
N GLY B 62 7.32 21.36 -9.29
CA GLY B 62 7.66 21.79 -7.93
C GLY B 62 8.92 22.63 -7.98
N GLY B 63 8.91 23.76 -7.29
CA GLY B 63 10.11 24.52 -7.04
C GLY B 63 10.52 24.45 -5.59
N SER B 64 11.31 25.43 -5.17
CA SER B 64 11.76 25.51 -3.79
C SER B 64 10.56 25.79 -2.86
N LYS B 65 10.12 24.74 -2.16
CA LYS B 65 8.97 24.79 -1.25
C LYS B 65 7.74 25.38 -1.93
N SER B 66 7.53 24.99 -3.19
CA SER B 66 6.45 25.54 -4.01
C SER B 66 5.89 24.47 -4.93
N LEU B 67 4.63 24.66 -5.34
CA LEU B 67 4.00 23.75 -6.29
C LEU B 67 3.18 24.55 -7.29
N PHE B 68 3.25 24.16 -8.57
CA PHE B 68 2.46 24.75 -9.66
C PHE B 68 1.68 23.66 -10.38
N ALA B 69 0.43 23.96 -10.72
CA ALA B 69 -0.39 23.01 -11.46
C ALA B 69 -0.99 23.72 -12.66
N VAL B 70 -0.93 23.06 -13.83
CA VAL B 70 -1.59 23.56 -15.03
C VAL B 70 -2.79 22.65 -15.29
N THR B 71 -3.96 23.24 -15.61
CA THR B 71 -5.22 22.52 -15.78
C THR B 71 -5.49 22.23 -17.25
N VAL B 72 -6.51 21.41 -17.48
CA VAL B 72 -6.86 21.02 -18.85
C VAL B 72 -7.32 22.24 -19.64
N GLU B 73 -7.82 23.27 -18.96
CA GLU B 73 -8.29 24.51 -19.57
C GLU B 73 -7.20 25.56 -19.72
N GLY B 74 -6.04 25.35 -19.13
CA GLY B 74 -4.95 26.32 -19.27
C GLY B 74 -4.80 27.28 -18.12
N LYS B 75 -5.51 27.06 -17.01
CA LYS B 75 -5.31 27.84 -15.80
C LYS B 75 -4.10 27.32 -15.04
N VAL B 76 -3.51 28.20 -14.24
CA VAL B 76 -2.32 27.86 -13.48
C VAL B 76 -2.58 28.18 -12.03
N TYR B 77 -2.29 27.23 -11.15
CA TYR B 77 -2.50 27.38 -9.71
C TYR B 77 -1.16 27.17 -9.03
N ALA B 78 -0.97 27.83 -7.90
CA ALA B 78 0.31 27.79 -7.20
C ALA B 78 0.06 27.77 -5.70
N CYS B 79 0.97 27.13 -4.97
CA CYS B 79 0.90 27.17 -3.52
C CYS B 79 2.28 26.94 -2.93
N GLY B 80 2.42 27.27 -1.64
CA GLY B 80 3.65 27.08 -0.92
C GLY B 80 4.24 28.40 -0.46
N GLU B 81 5.58 28.44 -0.37
CA GLU B 81 6.27 29.63 0.09
C GLU B 81 6.16 30.73 -0.95
N ALA B 82 5.84 31.96 -0.51
CA ALA B 82 5.60 33.05 -1.44
C ALA B 82 6.78 34.01 -1.55
N THR B 83 7.85 33.78 -0.76
CA THR B 83 9.04 34.65 -0.72
C THR B 83 9.62 34.89 -2.11
N ASN B 84 10.13 36.10 -2.34
CA ASN B 84 10.76 36.47 -3.62
C ASN B 84 9.77 36.55 -4.78
N GLY B 85 8.46 36.49 -4.51
CA GLY B 85 7.48 36.50 -5.58
C GLY B 85 7.38 35.21 -6.37
N ARG B 86 7.93 34.10 -5.85
CA ARG B 86 8.11 32.90 -6.66
C ARG B 86 6.80 32.26 -7.10
N LEU B 87 5.70 32.52 -6.41
CA LEU B 87 4.42 31.92 -6.79
C LEU B 87 3.68 32.69 -7.87
N GLY B 88 4.09 33.93 -8.17
CA GLY B 88 3.41 34.73 -9.18
C GLY B 88 2.05 35.26 -8.77
N LEU B 89 1.77 35.33 -7.46
CA LEU B 89 0.46 35.69 -6.96
C LEU B 89 0.39 37.14 -6.45
N GLY B 90 1.30 38.00 -6.87
CA GLY B 90 1.16 39.39 -6.46
C GLY B 90 1.68 39.69 -5.07
N ILE B 91 2.36 38.74 -4.42
CA ILE B 91 2.89 38.96 -3.07
C ILE B 91 4.37 38.58 -3.08
N SER B 92 5.08 39.01 -2.04
CA SER B 92 6.50 38.69 -1.95
C SER B 92 6.90 38.05 -0.62
N SER B 93 5.93 37.68 0.21
CA SER B 93 6.23 37.03 1.48
C SER B 93 5.03 36.22 1.92
N GLY B 94 5.28 35.27 2.82
CA GLY B 94 4.23 34.49 3.42
C GLY B 94 4.10 33.11 2.82
N THR B 95 2.92 32.53 2.98
CA THR B 95 2.61 31.24 2.38
C THR B 95 1.22 31.30 1.78
N VAL B 96 1.01 30.50 0.74
CA VAL B 96 -0.29 30.30 0.13
C VAL B 96 -0.67 28.83 0.32
N PRO B 97 -1.54 28.51 1.28
CA PRO B 97 -1.64 27.13 1.76
C PRO B 97 -2.62 26.23 1.00
N ILE B 98 -3.25 26.75 -0.04
CA ILE B 98 -4.07 25.99 -0.97
C ILE B 98 -3.71 26.43 -2.37
N PRO B 99 -3.88 25.58 -3.39
CA PRO B 99 -3.55 26.04 -4.76
C PRO B 99 -4.45 27.20 -5.13
N ARG B 100 -3.83 28.31 -5.53
CA ARG B 100 -4.50 29.57 -5.83
C ARG B 100 -4.20 29.96 -7.27
N GLN B 101 -5.23 30.35 -8.03
CA GLN B 101 -5.02 30.64 -9.44
C GLN B 101 -4.14 31.88 -9.65
N ILE B 102 -3.21 31.77 -10.59
CA ILE B 102 -2.46 32.93 -11.09
C ILE B 102 -3.37 33.69 -12.03
N THR B 103 -4.17 34.60 -11.47
CA THR B 103 -5.17 35.32 -12.26
C THR B 103 -4.53 36.18 -13.35
N ALA B 104 -3.29 36.63 -13.16
CA ALA B 104 -2.61 37.42 -14.18
C ALA B 104 -2.49 36.67 -15.50
N LEU B 105 -2.57 35.35 -15.49
CA LEU B 105 -2.50 34.54 -16.69
C LEU B 105 -3.87 34.11 -17.20
N SER B 106 -4.96 34.64 -16.64
CA SER B 106 -6.29 34.10 -16.96
C SER B 106 -6.72 34.36 -18.39
N SER B 107 -6.14 35.33 -19.09
CA SER B 107 -6.51 35.52 -20.50
C SER B 107 -5.80 34.58 -21.45
N TYR B 108 -4.90 33.74 -20.95
CA TYR B 108 -4.07 32.88 -21.76
C TYR B 108 -4.33 31.42 -21.41
N VAL B 109 -4.07 30.55 -22.38
CA VAL B 109 -4.17 29.10 -22.19
C VAL B 109 -2.74 28.59 -22.01
N VAL B 110 -2.34 28.37 -20.75
CA VAL B 110 -1.00 27.86 -20.42
C VAL B 110 -0.95 26.36 -20.62
N LYS B 111 0.15 25.88 -21.23
CA LYS B 111 0.30 24.44 -21.34
C LYS B 111 1.44 23.89 -20.50
N LYS B 112 2.36 24.73 -20.04
CA LYS B 112 3.43 24.26 -19.17
C LYS B 112 3.96 25.38 -18.29
N VAL B 113 4.35 25.01 -17.08
CA VAL B 113 5.09 25.86 -16.16
C VAL B 113 6.45 25.22 -15.93
N ALA B 114 7.53 26.00 -16.07
CA ALA B 114 8.87 25.49 -15.86
C ALA B 114 9.45 26.12 -14.61
N VAL B 115 10.05 25.28 -13.76
CA VAL B 115 10.65 25.73 -12.52
C VAL B 115 11.67 24.66 -12.12
N HIS B 116 12.78 25.09 -11.54
CA HIS B 116 13.74 24.12 -11.01
C HIS B 116 13.32 23.70 -9.61
N SER B 117 13.65 22.45 -9.25
CA SER B 117 13.27 21.96 -7.92
C SER B 117 13.82 22.87 -6.81
N GLY B 118 14.95 23.52 -7.07
CA GLY B 118 15.45 24.48 -6.09
C GLY B 118 15.29 25.93 -6.53
N GLY B 119 14.35 26.21 -7.45
CA GLY B 119 14.23 27.53 -8.01
C GLY B 119 13.25 28.47 -7.28
N ARG B 120 13.46 29.78 -7.50
CA ARG B 120 12.60 30.82 -6.94
C ARG B 120 12.05 31.73 -8.03
N HIS B 121 12.11 31.27 -9.28
CA HIS B 121 11.47 31.91 -10.40
C HIS B 121 10.96 30.80 -11.32
N ALA B 122 10.03 31.16 -12.19
CA ALA B 122 9.41 30.17 -13.06
C ALA B 122 8.97 30.86 -14.35
N THR B 123 8.74 30.05 -15.39
CA THR B 123 8.13 30.56 -16.61
C THR B 123 6.88 29.77 -16.94
N ALA B 124 5.99 30.37 -17.72
CA ALA B 124 4.82 29.70 -18.25
C ALA B 124 4.81 29.82 -19.76
N LEU B 125 4.40 28.76 -20.45
CA LEU B 125 4.33 28.74 -21.91
C LEU B 125 2.88 28.58 -22.34
N THR B 126 2.38 29.47 -23.19
CA THR B 126 1.00 29.34 -23.64
C THR B 126 0.95 28.41 -24.85
N VAL B 127 -0.27 28.05 -25.25
CA VAL B 127 -0.41 27.11 -26.35
C VAL B 127 0.00 27.77 -27.67
N ASP B 128 -0.19 29.07 -27.79
CA ASP B 128 0.26 29.81 -28.96
C ASP B 128 1.71 30.31 -28.85
N GLY B 129 2.48 29.83 -27.88
CA GLY B 129 3.92 29.98 -27.92
C GLY B 129 4.50 31.20 -27.24
N LYS B 130 3.74 31.87 -26.38
CA LYS B 130 4.22 33.01 -25.61
C LYS B 130 4.77 32.54 -24.27
N VAL B 131 5.76 33.25 -23.73
CA VAL B 131 6.41 32.88 -22.48
C VAL B 131 6.31 34.05 -21.50
N PHE B 132 5.84 33.75 -20.29
CA PHE B 132 5.80 34.69 -19.18
C PHE B 132 6.73 34.20 -18.09
N SER B 133 7.25 35.12 -17.28
CA SER B 133 8.16 34.77 -16.19
C SER B 133 7.83 35.58 -14.94
N TRP B 134 8.24 35.04 -13.79
CA TRP B 134 7.97 35.75 -12.54
C TRP B 134 8.91 35.22 -11.45
N GLY B 135 8.99 35.97 -10.37
CA GLY B 135 9.76 35.53 -9.23
C GLY B 135 11.04 36.33 -9.08
N GLU B 136 12.05 35.68 -8.52
CA GLU B 136 13.35 36.31 -8.28
C GLU B 136 13.99 36.73 -9.60
N GLY B 137 14.44 37.97 -9.68
CA GLY B 137 15.02 38.46 -10.91
C GLY B 137 16.53 38.51 -10.95
N ASP B 138 17.20 38.05 -9.90
CA ASP B 138 18.66 38.10 -9.84
C ASP B 138 19.26 37.55 -11.13
N ASP B 139 20.33 38.21 -11.61
CA ASP B 139 21.12 37.77 -12.76
C ASP B 139 20.33 37.74 -14.05
N GLY B 140 19.19 38.42 -14.09
CA GLY B 140 18.45 38.53 -15.34
C GLY B 140 17.71 37.29 -15.76
N LYS B 141 17.53 36.32 -14.85
CA LYS B 141 16.95 35.05 -15.26
C LYS B 141 15.46 35.16 -15.64
N LEU B 142 14.79 36.28 -15.39
CA LEU B 142 13.42 36.48 -15.89
C LEU B 142 13.39 36.94 -17.35
N GLY B 143 14.51 37.47 -17.86
CA GLY B 143 14.63 37.81 -19.27
C GLY B 143 14.03 39.14 -19.70
N HIS B 144 13.81 40.06 -18.76
CA HIS B 144 13.25 41.38 -19.04
C HIS B 144 14.31 42.48 -19.05
N PHE B 145 15.57 42.16 -19.37
CA PHE B 145 16.61 43.19 -19.44
C PHE B 145 16.82 43.87 -18.10
N SER B 146 16.65 43.15 -17.00
CA SER B 146 16.66 43.76 -15.67
C SER B 146 17.07 42.69 -14.68
N ARG B 147 17.42 43.12 -13.46
CA ARG B 147 17.66 42.21 -12.36
C ARG B 147 16.56 42.29 -11.29
N MET B 148 15.45 42.99 -11.56
CA MET B 148 14.40 43.17 -10.58
C MET B 148 13.46 41.95 -10.52
N ASN B 149 13.00 41.62 -9.31
CA ASN B 149 11.94 40.62 -9.12
C ASN B 149 10.65 41.04 -9.82
N CYS B 150 9.85 40.06 -10.28
CA CYS B 150 8.47 40.29 -10.70
C CYS B 150 7.55 39.43 -9.85
N ASP B 151 6.68 40.06 -9.08
CA ASP B 151 5.79 39.30 -8.21
C ASP B 151 4.57 38.75 -8.93
N LYS B 152 4.35 39.16 -10.18
CA LYS B 152 3.32 38.64 -11.07
C LYS B 152 3.92 38.33 -12.43
N PRO B 153 3.33 37.38 -13.16
CA PRO B 153 3.89 37.02 -14.47
C PRO B 153 3.98 38.21 -15.41
N ARG B 154 5.04 38.21 -16.22
CA ARG B 154 5.30 39.29 -17.15
C ARG B 154 5.79 38.68 -18.45
N LEU B 155 5.22 39.11 -19.58
CA LEU B 155 5.58 38.55 -20.88
C LEU B 155 7.05 38.84 -21.19
N ILE B 156 7.79 37.82 -21.62
CA ILE B 156 9.17 38.03 -22.09
C ILE B 156 9.09 38.56 -23.52
N GLU B 157 9.17 39.89 -23.68
CA GLU B 157 8.95 40.46 -25.00
C GLU B 157 10.05 40.10 -25.98
N ALA B 158 11.25 39.74 -25.50
CA ALA B 158 12.32 39.41 -26.43
C ALA B 158 12.02 38.16 -27.25
N LEU B 159 11.06 37.33 -26.80
CA LEU B 159 10.64 36.12 -27.51
C LEU B 159 9.32 36.27 -28.28
N LYS B 160 8.75 37.47 -28.36
CA LYS B 160 7.44 37.69 -29.03
C LYS B 160 7.43 37.22 -30.49
N THR B 161 8.56 37.33 -31.19
CA THR B 161 8.62 36.96 -32.63
C THR B 161 8.95 35.49 -32.79
N LYS B 162 9.07 34.73 -31.69
CA LYS B 162 9.46 33.31 -31.72
C LYS B 162 8.31 32.44 -31.22
N ARG B 163 8.01 31.36 -31.93
CA ARG B 163 6.97 30.40 -31.47
C ARG B 163 7.66 29.40 -30.55
N ILE B 164 7.54 29.60 -29.24
CA ILE B 164 8.26 28.73 -28.29
C ILE B 164 7.48 27.43 -28.06
N ARG B 165 8.17 26.30 -28.06
CA ARG B 165 7.48 25.00 -27.82
C ARG B 165 7.91 24.33 -26.50
N ASP B 166 9.03 24.74 -25.91
CA ASP B 166 9.42 24.21 -24.59
C ASP B 166 10.19 25.23 -23.77
N ILE B 167 10.22 25.02 -22.47
CA ILE B 167 10.86 25.95 -21.54
C ILE B 167 11.47 25.14 -20.41
N ALA B 168 12.52 25.70 -19.80
CA ALA B 168 13.10 25.13 -18.60
C ALA B 168 13.70 26.28 -17.78
N CYS B 169 13.77 26.09 -16.47
CA CYS B 169 14.40 27.06 -15.58
C CYS B 169 15.32 26.31 -14.62
N GLY B 170 16.48 26.90 -14.34
CA GLY B 170 17.35 26.43 -13.28
C GLY B 170 17.08 27.32 -12.08
N SER B 171 18.02 27.30 -11.12
CA SER B 171 17.93 28.23 -10.02
C SER B 171 18.42 29.63 -10.41
N SER B 172 19.24 29.75 -11.44
CA SER B 172 19.89 31.02 -11.77
C SER B 172 19.81 31.37 -13.24
N HIS B 173 19.24 30.51 -14.09
CA HIS B 173 19.17 30.80 -15.51
C HIS B 173 17.95 30.10 -16.06
N SER B 174 17.64 30.42 -17.32
CA SER B 174 16.39 30.00 -17.95
C SER B 174 16.65 29.66 -19.41
N ALA B 175 15.73 28.89 -20.02
CA ALA B 175 15.93 28.44 -21.39
C ALA B 175 14.57 28.31 -22.07
N ALA B 176 14.56 28.50 -23.39
CA ALA B 176 13.36 28.34 -24.19
C ALA B 176 13.78 27.84 -25.56
N LEU B 177 12.92 27.03 -26.17
CA LEU B 177 13.27 26.54 -27.49
C LEU B 177 12.08 26.68 -28.43
N THR B 178 12.39 27.01 -29.69
CA THR B 178 11.38 27.34 -30.68
C THR B 178 10.89 26.09 -31.39
N SER B 179 9.80 26.24 -32.15
CA SER B 179 9.29 25.16 -33.00
C SER B 179 10.36 24.62 -33.94
N SER B 180 11.16 25.52 -34.50
CA SER B 180 12.21 25.19 -35.45
C SER B 180 13.42 24.52 -34.79
N GLY B 181 13.48 24.46 -33.46
CA GLY B 181 14.59 23.83 -32.78
C GLY B 181 15.71 24.74 -32.30
N GLU B 182 15.58 26.07 -32.43
CA GLU B 182 16.55 26.98 -31.85
C GLU B 182 16.40 27.03 -30.34
N LEU B 183 17.52 27.18 -29.64
CA LEU B 183 17.57 27.22 -28.17
C LEU B 183 18.03 28.59 -27.71
N TYR B 184 17.29 29.19 -26.77
CA TYR B 184 17.67 30.45 -26.14
C TYR B 184 17.93 30.21 -24.67
N THR B 185 18.96 30.86 -24.13
CA THR B 185 19.27 30.81 -22.70
C THR B 185 19.48 32.22 -22.21
N TRP B 186 19.31 32.42 -20.90
CA TRP B 186 19.56 33.72 -20.31
C TRP B 186 19.66 33.55 -18.80
N GLY B 187 20.22 34.57 -18.14
CA GLY B 187 20.44 34.50 -16.71
C GLY B 187 21.91 34.55 -16.37
N LEU B 188 22.25 34.00 -15.20
CA LEU B 188 23.63 34.02 -14.70
C LEU B 188 24.58 33.34 -15.68
N GLY B 189 25.68 34.02 -16.03
CA GLY B 189 26.62 33.44 -16.97
C GLY B 189 27.73 32.61 -16.35
N GLU B 190 27.90 32.71 -15.03
CA GLU B 190 29.01 32.08 -14.32
C GLU B 190 29.14 30.59 -14.66
N TYR B 191 30.39 30.12 -14.87
CA TYR B 191 30.72 28.71 -15.15
C TYR B 191 30.12 28.17 -16.45
N GLY B 192 29.74 29.07 -17.37
CA GLY B 192 29.39 28.68 -18.73
C GLY B 192 28.01 28.12 -18.94
N ARG B 193 27.10 28.21 -17.95
CA ARG B 193 25.82 27.50 -18.03
C ARG B 193 24.93 27.96 -19.18
N LEU B 194 25.14 29.18 -19.70
CA LEU B 194 24.31 29.69 -20.79
C LEU B 194 24.72 29.13 -22.15
N GLY B 195 25.99 28.74 -22.31
CA GLY B 195 26.42 28.05 -23.52
C GLY B 195 26.87 28.94 -24.67
N HIS B 196 27.19 30.21 -24.43
CA HIS B 196 27.56 31.14 -25.50
C HIS B 196 29.05 31.31 -25.66
N GLY B 197 29.88 30.45 -25.07
CA GLY B 197 31.32 30.59 -25.27
C GLY B 197 32.03 31.53 -24.32
N ASP B 198 31.37 31.98 -23.27
CA ASP B 198 31.98 32.86 -22.28
C ASP B 198 31.18 32.70 -20.99
N ASN B 199 31.46 33.51 -19.98
CA ASN B 199 30.73 33.41 -18.72
C ASN B 199 29.89 34.66 -18.48
N THR B 200 29.52 35.34 -19.53
CA THR B 200 28.86 36.63 -19.42
C THR B 200 27.37 36.43 -19.10
N THR B 201 26.90 37.10 -18.06
CA THR B 201 25.47 37.11 -17.73
C THR B 201 24.66 37.72 -18.87
N GLN B 202 23.51 37.12 -19.19
CA GLN B 202 22.62 37.63 -20.23
C GLN B 202 21.25 38.00 -19.64
N LEU B 203 20.88 39.28 -19.69
CA LEU B 203 19.63 39.78 -19.05
C LEU B 203 18.45 39.59 -20.00
N LYS B 204 18.73 39.12 -21.20
CA LYS B 204 17.69 38.91 -22.23
C LYS B 204 17.99 37.55 -22.90
N PRO B 205 16.97 36.81 -23.36
CA PRO B 205 17.19 35.54 -24.11
C PRO B 205 18.20 35.73 -25.25
N LYS B 206 19.18 34.82 -25.32
CA LYS B 206 20.20 34.82 -26.35
C LYS B 206 20.30 33.45 -27.02
N MET B 207 20.37 33.42 -28.36
CA MET B 207 20.36 32.14 -29.06
C MET B 207 21.69 31.42 -28.88
N VAL B 208 21.65 30.11 -28.59
CA VAL B 208 22.86 29.30 -28.47
C VAL B 208 23.32 28.93 -29.89
N LYS B 209 24.25 29.69 -30.44
CA LYS B 209 24.62 29.53 -31.84
C LYS B 209 25.31 28.20 -32.14
N VAL B 210 26.06 27.66 -31.17
CA VAL B 210 26.74 26.38 -31.39
C VAL B 210 25.78 25.27 -31.80
N LEU B 211 24.53 25.32 -31.38
CA LEU B 211 23.55 24.28 -31.68
C LEU B 211 22.72 24.54 -32.94
N LEU B 212 22.95 25.64 -33.65
CA LEU B 212 22.17 25.83 -34.87
C LEU B 212 22.45 24.70 -35.85
N GLY B 213 21.41 24.30 -36.58
CA GLY B 213 21.45 23.11 -37.40
C GLY B 213 20.94 21.87 -36.68
N HIS B 214 20.96 21.85 -35.37
CA HIS B 214 20.26 20.81 -34.62
C HIS B 214 18.87 21.32 -34.23
N ARG B 215 17.86 20.47 -34.42
N ARG B 215 17.88 20.44 -34.35
CA ARG B 215 16.54 20.76 -33.88
CA ARG B 215 16.53 20.72 -33.87
C ARG B 215 16.55 20.29 -32.43
C ARG B 215 16.48 20.30 -32.41
N VAL B 216 16.79 21.23 -31.51
CA VAL B 216 16.72 20.96 -30.07
C VAL B 216 15.25 20.84 -29.69
N ILE B 217 14.88 19.73 -29.05
CA ILE B 217 13.48 19.48 -28.72
C ILE B 217 13.23 19.52 -27.20
N GLN B 218 14.27 19.46 -26.37
CA GLN B 218 14.08 19.56 -24.92
C GLN B 218 15.36 20.12 -24.30
N VAL B 219 15.20 20.81 -23.17
CA VAL B 219 16.30 21.42 -22.44
C VAL B 219 16.02 21.28 -20.94
N ALA B 220 17.08 21.15 -20.16
CA ALA B 220 16.98 21.09 -18.71
C ALA B 220 18.09 21.94 -18.12
N CYS B 221 17.81 22.58 -16.97
CA CYS B 221 18.74 23.51 -16.33
C CYS B 221 18.99 23.13 -14.87
N GLY B 222 20.24 23.21 -14.41
CA GLY B 222 20.58 22.83 -13.05
C GLY B 222 20.54 24.01 -12.10
N SER B 223 21.04 23.78 -10.88
CA SER B 223 20.98 24.81 -9.85
C SER B 223 22.36 25.02 -9.26
N ARG B 224 22.45 26.06 -8.41
CA ARG B 224 23.72 26.55 -7.87
C ARG B 224 24.81 26.65 -8.95
N ASP B 225 25.94 25.98 -8.79
CA ASP B 225 26.93 25.93 -9.88
C ASP B 225 26.40 24.94 -10.90
N ALA B 226 25.70 25.44 -11.91
CA ALA B 226 24.74 24.62 -12.64
C ALA B 226 25.26 24.11 -13.97
N GLN B 227 24.76 22.94 -14.37
CA GLN B 227 24.87 22.44 -15.73
C GLN B 227 23.61 22.81 -16.52
N THR B 228 23.69 22.60 -17.83
CA THR B 228 22.56 22.66 -18.74
C THR B 228 22.64 21.47 -19.66
N LEU B 229 21.48 20.87 -19.97
CA LEU B 229 21.35 19.71 -20.84
C LEU B 229 20.41 20.07 -21.97
N ALA B 230 20.68 19.54 -23.16
CA ALA B 230 19.78 19.73 -24.29
C ALA B 230 19.66 18.41 -25.03
N LEU B 231 18.49 18.18 -25.60
CA LEU B 231 18.17 16.98 -26.37
C LEU B 231 17.70 17.37 -27.76
N THR B 232 18.21 16.70 -28.81
CA THR B 232 17.81 16.98 -30.19
C THR B 232 16.86 15.89 -30.69
N ASP B 233 16.22 16.17 -31.82
CA ASP B 233 15.26 15.21 -32.36
C ASP B 233 15.92 13.96 -32.92
N GLU B 234 17.26 13.91 -32.96
CA GLU B 234 17.97 12.70 -33.35
C GLU B 234 18.49 11.95 -32.13
N GLY B 235 18.10 12.37 -30.93
CA GLY B 235 18.50 11.66 -29.74
C GLY B 235 19.87 12.03 -29.21
N LEU B 236 20.50 13.07 -29.76
CA LEU B 236 21.77 13.53 -29.23
C LEU B 236 21.53 14.32 -27.95
N VAL B 237 22.32 14.03 -26.93
CA VAL B 237 22.29 14.81 -25.69
C VAL B 237 23.54 15.67 -25.63
N PHE B 238 23.36 16.96 -25.32
CA PHE B 238 24.46 17.88 -25.16
C PHE B 238 24.48 18.38 -23.73
N SER B 239 25.66 18.70 -23.21
CA SER B 239 25.76 19.30 -21.88
C SER B 239 26.75 20.44 -21.92
N TRP B 240 26.60 21.37 -20.96
CA TRP B 240 27.55 22.45 -20.78
C TRP B 240 27.29 23.12 -19.44
N GLY B 241 28.19 24.00 -19.05
CA GLY B 241 28.12 24.65 -17.76
C GLY B 241 29.13 24.10 -16.76
N ASP B 242 28.76 24.08 -15.47
CA ASP B 242 29.70 23.72 -14.42
C ASP B 242 29.92 22.22 -14.41
N GLY B 243 31.18 21.82 -14.25
CA GLY B 243 31.58 20.43 -14.34
C GLY B 243 31.73 19.66 -13.03
N ASP B 244 31.55 20.31 -11.87
CA ASP B 244 31.74 19.62 -10.59
C ASP B 244 30.93 18.34 -10.52
N PHE B 245 31.53 17.31 -9.93
CA PHE B 245 30.93 16.00 -9.67
C PHE B 245 30.57 15.23 -10.94
N GLY B 246 31.07 15.65 -12.11
CA GLY B 246 30.84 14.88 -13.31
C GLY B 246 29.47 15.05 -13.92
N LYS B 247 28.71 16.09 -13.54
CA LYS B 247 27.31 16.18 -13.98
C LYS B 247 27.16 16.56 -15.45
N LEU B 248 28.26 16.94 -16.11
CA LEU B 248 28.21 17.09 -17.56
C LEU B 248 28.29 15.75 -18.28
N GLY B 249 28.71 14.69 -17.58
CA GLY B 249 28.62 13.35 -18.16
C GLY B 249 29.75 12.98 -19.09
N ARG B 250 30.86 13.71 -19.07
CA ARG B 250 31.98 13.40 -19.96
C ARG B 250 33.28 13.15 -19.18
N GLY B 251 33.17 12.70 -17.92
CA GLY B 251 34.33 12.36 -17.11
C GLY B 251 34.91 13.58 -16.38
N GLY B 252 35.63 13.30 -15.30
CA GLY B 252 36.40 14.32 -14.58
C GLY B 252 35.49 15.42 -14.03
N SER B 253 36.00 16.65 -14.00
CA SER B 253 35.23 17.73 -13.38
C SER B 253 35.34 19.06 -14.11
N GLU B 254 35.88 19.09 -15.33
CA GLU B 254 36.01 20.35 -16.05
C GLU B 254 34.64 20.85 -16.53
N GLY B 255 34.41 22.16 -16.39
CA GLY B 255 33.24 22.76 -17.00
C GLY B 255 33.51 23.16 -18.45
N CYS B 256 32.46 23.58 -19.16
CA CYS B 256 32.72 24.20 -20.47
C CYS B 256 31.61 25.20 -20.75
N ASN B 257 31.90 26.20 -21.60
CA ASN B 257 30.92 27.24 -21.89
C ASN B 257 30.27 27.04 -23.25
N ILE B 258 30.45 25.88 -23.84
CA ILE B 258 29.92 25.55 -25.17
C ILE B 258 29.27 24.17 -25.07
N PRO B 259 28.12 23.95 -25.70
CA PRO B 259 27.53 22.60 -25.69
C PRO B 259 28.50 21.54 -26.23
N GLN B 260 28.54 20.43 -25.53
CA GLN B 260 29.36 19.27 -25.95
C GLN B 260 28.48 18.02 -25.91
N ASN B 261 28.65 17.14 -26.88
CA ASN B 261 27.85 15.89 -26.96
C ASN B 261 28.24 14.92 -25.86
N ILE B 262 27.25 14.43 -25.11
CA ILE B 262 27.51 13.35 -24.14
C ILE B 262 27.56 12.10 -24.99
N GLU B 263 28.76 11.67 -25.31
CA GLU B 263 28.92 10.59 -26.28
C GLU B 263 28.27 9.30 -25.81
N ARG B 264 28.29 9.05 -24.49
CA ARG B 264 27.83 7.75 -24.02
C ARG B 264 26.34 7.55 -24.31
N LEU B 265 25.56 8.62 -24.44
CA LEU B 265 24.12 8.48 -24.67
C LEU B 265 23.78 8.39 -26.16
N ASN B 266 24.76 8.48 -27.04
CA ASN B 266 24.48 8.37 -28.47
C ASN B 266 23.90 7.00 -28.79
N GLY B 267 22.86 6.98 -29.60
CA GLY B 267 22.24 5.72 -29.98
C GLY B 267 21.35 5.09 -28.92
N GLN B 268 21.08 5.75 -27.79
CA GLN B 268 20.27 5.15 -26.73
C GLN B 268 18.78 5.51 -26.79
N GLY B 269 18.36 6.38 -27.70
CA GLY B 269 16.96 6.78 -27.74
C GLY B 269 16.50 7.61 -26.55
N VAL B 270 17.37 8.48 -26.00
CA VAL B 270 16.95 9.38 -24.91
C VAL B 270 15.75 10.20 -25.37
N CYS B 271 14.69 10.21 -24.58
CA CYS B 271 13.51 11.01 -24.89
C CYS B 271 13.15 12.00 -23.78
N GLN B 272 13.85 11.99 -22.65
CA GLN B 272 13.58 12.95 -21.60
C GLN B 272 14.84 13.19 -20.79
N ILE B 273 15.12 14.48 -20.50
CA ILE B 273 16.27 14.91 -19.71
C ILE B 273 15.81 15.77 -18.54
N GLU B 274 16.51 15.65 -17.41
CA GLU B 274 16.19 16.39 -16.21
C GLU B 274 17.48 16.73 -15.47
N CYS B 275 17.44 17.82 -14.68
CA CYS B 275 18.58 18.21 -13.84
C CYS B 275 18.05 18.43 -12.44
N GLY B 276 18.56 17.67 -11.47
CA GLY B 276 18.29 17.94 -10.06
C GLY B 276 19.35 18.88 -9.50
N ALA B 277 19.65 18.73 -8.21
CA ALA B 277 20.75 19.49 -7.59
C ALA B 277 22.05 18.73 -7.82
N GLN B 278 22.90 19.27 -8.70
CA GLN B 278 24.24 18.76 -9.01
C GLN B 278 24.20 17.39 -9.70
N PHE B 279 23.07 16.98 -10.26
CA PHE B 279 23.08 15.74 -11.01
C PHE B 279 22.13 15.82 -12.19
N SER B 280 22.26 14.83 -13.07
CA SER B 280 21.57 14.77 -14.36
C SER B 280 20.92 13.40 -14.52
N LEU B 281 19.84 13.37 -15.30
CA LEU B 281 19.05 12.16 -15.47
C LEU B 281 18.51 12.13 -16.89
N ALA B 282 18.55 10.97 -17.53
CA ALA B 282 17.96 10.80 -18.85
C ALA B 282 17.07 9.55 -18.84
N LEU B 283 15.96 9.62 -19.56
CA LEU B 283 15.06 8.48 -19.77
C LEU B 283 15.02 8.15 -21.26
N THR B 284 15.03 6.86 -21.60
CA THR B 284 15.03 6.51 -23.01
C THR B 284 13.65 6.00 -23.44
N LYS B 285 13.46 5.93 -24.76
CA LYS B 285 12.21 5.41 -25.30
C LYS B 285 11.99 3.96 -24.89
N SER B 286 13.06 3.20 -24.72
CA SER B 286 12.87 1.81 -24.32
C SER B 286 12.63 1.67 -22.81
N GLY B 287 12.66 2.77 -22.07
CA GLY B 287 12.33 2.75 -20.64
C GLY B 287 13.49 2.61 -19.70
N VAL B 288 14.71 2.90 -20.15
CA VAL B 288 15.91 2.82 -19.33
C VAL B 288 16.19 4.18 -18.73
N VAL B 289 16.63 4.20 -17.48
CA VAL B 289 16.97 5.43 -16.77
C VAL B 289 18.48 5.49 -16.59
N TRP B 290 19.07 6.63 -16.92
CA TRP B 290 20.49 6.89 -16.73
C TRP B 290 20.66 8.09 -15.80
N THR B 291 21.63 8.01 -14.88
CA THR B 291 21.95 9.17 -14.03
C THR B 291 23.46 9.39 -13.98
N TRP B 292 23.84 10.64 -13.67
CA TRP B 292 25.25 10.94 -13.44
C TRP B 292 25.34 12.26 -12.67
N GLY B 293 26.46 12.45 -11.97
CA GLY B 293 26.65 13.66 -11.16
C GLY B 293 27.03 13.38 -9.73
N LYS B 294 26.70 14.32 -8.84
CA LYS B 294 27.03 14.21 -7.43
C LYS B 294 26.30 13.04 -6.77
N GLY B 295 26.98 12.19 -6.02
CA GLY B 295 26.32 10.97 -5.48
C GLY B 295 25.82 11.08 -4.05
N ASP B 296 26.21 12.14 -3.36
CA ASP B 296 25.86 12.31 -1.94
C ASP B 296 24.36 12.09 -1.69
N TYR B 297 24.03 11.38 -0.61
CA TYR B 297 22.64 11.11 -0.22
C TYR B 297 21.85 10.31 -1.27
N PHE B 298 22.57 9.58 -2.11
CA PHE B 298 22.02 8.52 -2.96
C PHE B 298 21.08 9.06 -4.05
N ARG B 299 21.25 10.31 -4.47
CA ARG B 299 20.36 10.88 -5.47
C ARG B 299 20.47 10.20 -6.84
N LEU B 300 21.57 9.50 -7.13
CA LEU B 300 21.75 8.86 -8.42
C LEU B 300 21.13 7.47 -8.50
N GLY B 301 20.91 6.81 -7.36
CA GLY B 301 20.15 5.58 -7.36
C GLY B 301 20.94 4.32 -7.62
N HIS B 302 22.27 4.37 -7.50
CA HIS B 302 23.11 3.20 -7.79
C HIS B 302 23.44 2.39 -6.55
N GLY B 303 22.84 2.70 -5.40
CA GLY B 303 23.06 1.89 -4.21
C GLY B 303 24.23 2.30 -3.35
N SER B 304 25.14 3.13 -3.86
CA SER B 304 26.17 3.75 -3.04
C SER B 304 26.09 5.25 -3.27
N ASP B 305 26.90 6.03 -2.56
CA ASP B 305 26.82 7.48 -2.73
C ASP B 305 28.03 8.06 -3.46
N VAL B 306 28.76 7.24 -4.22
CA VAL B 306 29.89 7.77 -4.99
C VAL B 306 29.40 8.62 -6.16
N HIS B 307 30.25 9.52 -6.62
CA HIS B 307 29.87 10.29 -7.80
C HIS B 307 29.96 9.40 -9.04
N VAL B 308 29.29 9.84 -10.10
CA VAL B 308 29.22 9.11 -11.37
C VAL B 308 29.45 10.13 -12.49
N ARG B 309 30.59 10.02 -13.20
CA ARG B 309 30.97 11.13 -14.07
C ARG B 309 30.74 10.86 -15.55
N LYS B 310 30.27 9.68 -15.90
CA LYS B 310 29.66 9.46 -17.20
C LYS B 310 28.35 8.72 -16.95
N PRO B 311 27.34 8.91 -17.79
CA PRO B 311 26.02 8.32 -17.50
C PRO B 311 26.11 6.83 -17.21
N GLN B 312 25.36 6.40 -16.21
CA GLN B 312 25.22 4.99 -15.91
C GLN B 312 23.75 4.62 -15.74
N VAL B 313 23.40 3.47 -16.29
CA VAL B 313 22.03 2.91 -16.16
C VAL B 313 21.71 2.64 -14.69
N VAL B 314 20.53 3.04 -14.27
CA VAL B 314 20.07 2.74 -12.90
C VAL B 314 19.69 1.26 -12.96
N GLU B 315 20.62 0.38 -12.59
CA GLU B 315 20.42 -1.06 -12.76
C GLU B 315 19.25 -1.58 -11.93
N GLY B 316 18.90 -0.90 -10.84
CA GLY B 316 17.75 -1.29 -10.03
C GLY B 316 16.42 -1.19 -10.74
N LEU B 317 16.35 -0.51 -11.87
CA LEU B 317 15.13 -0.49 -12.66
C LEU B 317 15.19 -1.41 -13.88
N ARG B 318 16.20 -2.24 -14.03
CA ARG B 318 16.30 -3.07 -15.26
C ARG B 318 15.12 -4.03 -15.32
N GLY B 319 14.59 -4.25 -16.51
CA GLY B 319 13.42 -5.07 -16.65
C GLY B 319 12.14 -4.37 -16.27
N LYS B 320 12.18 -3.12 -15.81
CA LYS B 320 10.99 -2.29 -15.64
C LYS B 320 11.01 -1.20 -16.70
N LYS B 321 9.93 -1.12 -17.49
CA LYS B 321 9.85 -0.13 -18.54
C LYS B 321 9.35 1.18 -17.94
N ILE B 322 10.25 2.18 -17.85
CA ILE B 322 9.90 3.46 -17.24
C ILE B 322 9.28 4.38 -18.29
N VAL B 323 8.13 4.96 -17.97
CA VAL B 323 7.41 5.80 -18.92
C VAL B 323 7.45 7.29 -18.55
N HIS B 324 7.80 7.63 -17.31
CA HIS B 324 7.93 9.03 -16.91
C HIS B 324 8.86 9.12 -15.72
N VAL B 325 9.59 10.24 -15.61
CA VAL B 325 10.50 10.48 -14.50
C VAL B 325 10.34 11.92 -14.04
N ALA B 326 10.77 12.17 -12.80
CA ALA B 326 10.86 13.51 -12.25
C ALA B 326 12.01 13.53 -11.24
N VAL B 327 12.60 14.70 -11.03
CA VAL B 327 13.69 14.87 -10.09
C VAL B 327 13.38 16.05 -9.18
N GLY B 328 13.68 15.89 -7.89
CA GLY B 328 13.75 16.99 -6.95
C GLY B 328 15.19 17.42 -6.77
N ALA B 329 15.48 18.04 -5.62
CA ALA B 329 16.87 18.43 -5.36
C ALA B 329 17.75 17.18 -5.21
N LEU B 330 17.34 16.26 -4.31
CA LEU B 330 18.13 15.10 -3.94
C LEU B 330 17.37 13.79 -4.06
N HIS B 331 16.27 13.77 -4.81
CA HIS B 331 15.49 12.56 -4.96
C HIS B 331 14.94 12.47 -6.38
N CYS B 332 14.61 11.24 -6.80
CA CYS B 332 14.00 11.00 -8.10
C CYS B 332 12.80 10.08 -7.98
N LEU B 333 11.87 10.24 -8.93
CA LEU B 333 10.70 9.37 -9.04
C LEU B 333 10.64 8.82 -10.45
N ALA B 334 10.24 7.55 -10.59
CA ALA B 334 10.17 6.89 -11.89
C ALA B 334 8.90 6.06 -11.94
N VAL B 335 8.14 6.20 -13.02
CA VAL B 335 6.84 5.55 -13.20
C VAL B 335 7.00 4.38 -14.17
N THR B 336 6.53 3.20 -13.78
CA THR B 336 6.57 2.07 -14.71
C THR B 336 5.33 2.05 -15.61
N ASP B 337 5.44 1.28 -16.71
CA ASP B 337 4.28 1.14 -17.58
C ASP B 337 3.11 0.43 -16.89
N SER B 338 3.32 -0.22 -15.75
CA SER B 338 2.22 -0.83 -15.03
C SER B 338 1.63 0.09 -13.96
N GLY B 339 2.17 1.30 -13.82
CA GLY B 339 1.62 2.31 -12.95
C GLY B 339 2.21 2.37 -11.57
N GLN B 340 3.33 1.70 -11.32
CA GLN B 340 4.00 1.79 -10.05
C GLN B 340 4.97 2.97 -10.08
N VAL B 341 5.27 3.51 -8.90
CA VAL B 341 6.26 4.58 -8.75
C VAL B 341 7.41 4.02 -7.92
N TYR B 342 8.66 4.21 -8.42
CA TYR B 342 9.87 3.91 -7.69
C TYR B 342 10.55 5.23 -7.33
N ALA B 343 11.07 5.32 -6.11
CA ALA B 343 11.75 6.50 -5.60
C ALA B 343 13.13 6.12 -5.11
N TRP B 344 14.08 7.04 -5.21
CA TRP B 344 15.39 6.86 -4.61
C TRP B 344 15.92 8.22 -4.20
N GLY B 345 16.85 8.20 -3.27
CA GLY B 345 17.52 9.42 -2.83
C GLY B 345 17.18 9.86 -1.43
N ASP B 346 17.41 11.14 -1.15
CA ASP B 346 17.34 11.63 0.22
C ASP B 346 15.92 11.62 0.77
N ASN B 347 15.81 11.59 2.11
CA ASN B 347 14.49 11.42 2.73
C ASN B 347 14.32 12.21 4.02
N ASP B 348 15.02 13.35 4.18
CA ASP B 348 14.91 14.11 5.42
C ASP B 348 13.48 14.49 5.73
N HIS B 349 12.66 14.68 4.72
CA HIS B 349 11.32 15.23 4.88
C HIS B 349 10.24 14.28 4.39
N GLY B 350 10.60 13.00 4.21
CA GLY B 350 9.64 12.01 3.77
C GLY B 350 9.38 11.98 2.28
N GLN B 351 10.18 12.69 1.46
CA GLN B 351 9.92 12.78 0.02
C GLN B 351 10.07 11.44 -0.70
N GLN B 352 10.63 10.41 -0.06
CA GLN B 352 10.71 9.10 -0.69
C GLN B 352 9.39 8.36 -0.65
N GLY B 353 8.52 8.71 0.30
CA GLY B 353 7.22 8.04 0.40
C GLY B 353 7.36 6.60 0.86
N ASN B 354 8.30 6.32 1.75
CA ASN B 354 8.45 4.96 2.27
C ASN B 354 8.00 4.86 3.71
N GLY B 355 7.22 5.83 4.19
CA GLY B 355 6.73 5.79 5.55
C GLY B 355 7.71 6.28 6.60
N THR B 356 8.93 6.66 6.22
CA THR B 356 9.95 7.03 7.21
C THR B 356 10.73 8.25 6.69
N THR B 357 11.81 8.58 7.38
CA THR B 357 12.79 9.53 6.86
C THR B 357 14.12 8.83 6.55
N THR B 358 14.08 7.54 6.22
CA THR B 358 15.28 6.80 5.83
C THR B 358 15.54 6.95 4.33
N VAL B 359 16.80 7.25 3.96
CA VAL B 359 17.15 7.35 2.54
C VAL B 359 16.85 6.03 1.82
N ASN B 360 16.44 6.12 0.56
CA ASN B 360 16.41 4.97 -0.34
C ASN B 360 17.70 4.97 -1.15
N ARG B 361 18.58 4.02 -0.88
CA ARG B 361 19.84 3.97 -1.60
C ARG B 361 19.69 3.45 -3.02
N LYS B 362 18.62 2.73 -3.31
CA LYS B 362 18.33 2.12 -4.59
C LYS B 362 16.87 2.39 -4.87
N PRO B 363 16.45 2.30 -6.15
CA PRO B 363 15.03 2.54 -6.45
C PRO B 363 14.16 1.62 -5.62
N THR B 364 13.14 2.20 -4.99
CA THR B 364 12.31 1.53 -3.99
C THR B 364 10.86 1.85 -4.27
N LEU B 365 10.03 0.82 -4.24
CA LEU B 365 8.61 0.98 -4.56
C LEU B 365 7.95 1.95 -3.57
N VAL B 366 7.26 2.95 -4.09
CA VAL B 366 6.51 3.88 -3.23
C VAL B 366 5.23 3.19 -2.75
N GLN B 367 4.99 3.21 -1.44
CA GLN B 367 3.83 2.55 -0.83
C GLN B 367 2.57 3.39 -0.95
N GLY B 368 1.42 2.74 -0.73
CA GLY B 368 0.17 3.46 -0.61
C GLY B 368 -0.48 3.82 -1.93
N LEU B 369 -0.02 3.24 -3.05
CA LEU B 369 -0.56 3.60 -4.34
C LEU B 369 -1.15 2.41 -5.10
N GLU B 370 -1.28 1.23 -4.47
CA GLU B 370 -1.95 0.14 -5.13
C GLU B 370 -3.37 0.55 -5.48
N GLY B 371 -3.80 0.23 -6.70
CA GLY B 371 -5.10 0.65 -7.17
C GLY B 371 -5.06 1.99 -7.88
N GLN B 372 -3.92 2.67 -7.90
CA GLN B 372 -3.74 3.94 -8.59
C GLN B 372 -2.80 3.69 -9.76
N LYS B 373 -3.30 3.85 -10.98
CA LYS B 373 -2.45 3.62 -12.15
C LYS B 373 -1.71 4.93 -12.46
N ILE B 374 -0.58 5.14 -11.78
CA ILE B 374 0.14 6.41 -11.95
C ILE B 374 0.70 6.48 -13.35
N THR B 375 0.52 7.65 -14.00
CA THR B 375 1.11 7.89 -15.31
C THR B 375 2.11 9.03 -15.30
N ARG B 376 2.10 9.91 -14.30
CA ARG B 376 2.95 11.08 -14.31
C ARG B 376 3.39 11.38 -12.88
N VAL B 377 4.62 11.88 -12.74
CA VAL B 377 5.19 12.34 -11.47
C VAL B 377 5.81 13.71 -11.62
N ALA B 378 6.00 14.37 -10.49
CA ALA B 378 6.66 15.67 -10.44
C ALA B 378 7.30 15.79 -9.06
N CYS B 379 8.32 16.64 -8.97
CA CYS B 379 9.01 16.86 -7.70
C CYS B 379 9.27 18.35 -7.52
N GLY B 380 9.30 18.79 -6.27
CA GLY B 380 9.95 20.04 -5.91
C GLY B 380 11.19 19.75 -5.07
N SER B 381 11.69 20.81 -4.41
CA SER B 381 12.96 20.68 -3.69
C SER B 381 12.98 19.46 -2.79
N SER B 382 11.95 19.27 -1.98
CA SER B 382 11.90 18.12 -1.09
C SER B 382 10.49 17.62 -0.94
N HIS B 383 9.73 17.63 -2.04
CA HIS B 383 8.38 17.09 -2.06
C HIS B 383 8.12 16.39 -3.39
N SER B 384 7.04 15.61 -3.42
CA SER B 384 6.78 14.65 -4.47
C SER B 384 5.30 14.61 -4.82
N VAL B 385 5.03 14.30 -6.09
CA VAL B 385 3.68 14.34 -6.63
C VAL B 385 3.53 13.16 -7.61
N ALA B 386 2.38 12.49 -7.58
CA ALA B 386 2.09 11.47 -8.59
C ALA B 386 0.62 11.54 -8.94
N TRP B 387 0.29 11.37 -10.22
CA TRP B 387 -1.13 11.42 -10.53
C TRP B 387 -1.48 10.44 -11.64
N THR B 388 -2.80 10.14 -11.71
CA THR B 388 -3.41 9.30 -12.72
C THR B 388 -4.13 10.19 -13.72
N THR B 389 -4.38 9.64 -14.90
CA THR B 389 -5.18 10.32 -15.90
C THR B 389 -6.07 9.33 -16.62
N THR C 22 -6.60 -13.36 34.02
CA THR C 22 -8.05 -13.63 33.97
C THR C 22 -8.46 -14.14 32.59
N LYS C 23 -8.74 -13.28 31.60
CA LYS C 23 -9.09 -13.83 30.26
C LYS C 23 -7.90 -13.76 29.31
N VAL C 24 -7.53 -14.88 28.70
CA VAL C 24 -6.36 -14.95 27.83
C VAL C 24 -6.81 -15.39 26.44
N PHE C 25 -6.38 -14.64 25.42
CA PHE C 25 -6.63 -14.94 24.01
C PHE C 25 -5.30 -15.22 23.34
N VAL C 26 -5.27 -16.23 22.46
CA VAL C 26 -4.04 -16.61 21.77
C VAL C 26 -4.34 -16.79 20.29
N TRP C 27 -3.32 -16.63 19.45
CA TRP C 27 -3.48 -16.87 18.02
C TRP C 27 -2.10 -17.00 17.41
N GLY C 28 -2.06 -17.36 16.12
CA GLY C 28 -0.80 -17.62 15.46
C GLY C 28 -0.46 -19.10 15.25
N LEU C 29 0.83 -19.40 15.13
CA LEU C 29 1.31 -20.74 14.86
C LEU C 29 1.03 -21.69 16.03
N ASN C 30 0.68 -22.93 15.68
CA ASN C 30 0.26 -23.91 16.68
C ASN C 30 0.73 -25.31 16.32
N ASP C 31 1.80 -25.44 15.51
CA ASP C 31 2.21 -26.74 15.02
C ASP C 31 2.79 -27.63 16.12
N LYS C 32 3.28 -27.03 17.21
CA LYS C 32 3.78 -27.76 18.37
C LYS C 32 2.90 -27.54 19.59
N ASP C 33 1.64 -27.16 19.36
CA ASP C 33 0.66 -26.88 20.43
C ASP C 33 1.14 -25.77 21.36
N GLN C 34 1.89 -24.82 20.81
CA GLN C 34 2.36 -23.72 21.64
C GLN C 34 1.21 -22.82 22.12
N LEU C 35 0.02 -22.93 21.53
CA LEU C 35 -1.11 -22.13 22.02
C LEU C 35 -1.84 -22.81 23.17
N GLY C 36 -1.39 -23.99 23.59
CA GLY C 36 -1.87 -24.57 24.82
C GLY C 36 -3.20 -25.31 24.76
N GLY C 37 -3.63 -25.76 23.58
CA GLY C 37 -4.80 -26.62 23.51
C GLY C 37 -5.89 -26.19 22.54
N LEU C 38 -5.49 -25.73 21.36
CA LEU C 38 -6.46 -25.36 20.31
C LEU C 38 -6.27 -26.31 19.15
N LYS C 39 -7.33 -26.51 18.38
CA LYS C 39 -7.26 -27.38 17.19
C LYS C 39 -6.87 -26.55 15.96
N GLY C 40 -6.02 -27.11 15.12
CA GLY C 40 -5.48 -26.46 13.90
C GLY C 40 -4.02 -26.11 14.07
N SER C 41 -3.29 -25.93 12.96
CA SER C 41 -1.89 -25.53 13.04
C SER C 41 -1.71 -24.02 13.01
N LYS C 42 -2.65 -23.28 12.40
CA LYS C 42 -2.60 -21.81 12.31
C LYS C 42 -3.90 -21.26 12.89
N ILE C 43 -3.81 -20.47 13.94
CA ILE C 43 -5.01 -19.82 14.50
C ILE C 43 -5.01 -18.38 14.04
N LYS C 44 -5.96 -18.03 13.17
CA LYS C 44 -5.87 -16.74 12.49
C LYS C 44 -6.63 -15.62 13.17
N VAL C 45 -7.44 -15.93 14.19
CA VAL C 45 -8.08 -14.88 14.96
C VAL C 45 -7.82 -15.09 16.45
N PRO C 46 -7.76 -14.03 17.25
CA PRO C 46 -7.61 -14.21 18.71
C PRO C 46 -8.67 -15.16 19.23
N SER C 47 -8.23 -16.14 20.01
CA SER C 47 -9.09 -17.24 20.40
C SER C 47 -8.98 -17.42 21.90
N PHE C 48 -10.12 -17.49 22.58
CA PHE C 48 -10.11 -17.66 24.03
C PHE C 48 -9.42 -18.96 24.41
N SER C 49 -8.45 -18.81 25.32
CA SER C 49 -7.71 -19.94 25.89
C SER C 49 -8.33 -20.33 27.22
N GLU C 50 -8.99 -21.48 27.24
CA GLU C 50 -9.58 -22.00 28.50
C GLU C 50 -8.47 -22.46 29.45
N THR C 51 -7.44 -23.10 28.92
CA THR C 51 -6.32 -23.59 29.75
C THR C 51 -5.59 -22.41 30.37
N LEU C 52 -5.32 -21.36 29.59
CA LEU C 52 -4.55 -20.25 30.15
C LEU C 52 -5.42 -19.36 31.02
N SER C 53 -6.70 -19.17 30.65
CA SER C 53 -7.57 -18.29 31.44
C SER C 53 -7.86 -18.90 32.79
N ALA C 54 -7.83 -20.22 32.91
CA ALA C 54 -8.09 -20.83 34.19
C ALA C 54 -6.93 -20.64 35.18
N LEU C 55 -5.78 -20.19 34.73
CA LEU C 55 -4.61 -20.09 35.59
C LEU C 55 -4.53 -18.80 36.41
N ASN C 56 -5.34 -17.78 36.09
CA ASN C 56 -5.20 -16.45 36.71
C ASN C 56 -3.78 -15.89 36.50
N VAL C 57 -3.44 -15.69 35.22
CA VAL C 57 -2.09 -15.27 34.88
C VAL C 57 -1.87 -13.82 35.26
N VAL C 58 -0.63 -13.52 35.68
CA VAL C 58 -0.15 -12.15 35.74
C VAL C 58 0.84 -11.86 34.62
N GLN C 59 1.33 -12.89 33.93
CA GLN C 59 2.22 -12.69 32.81
C GLN C 59 2.14 -13.92 31.92
N VAL C 60 2.13 -13.68 30.63
CA VAL C 60 2.38 -14.70 29.61
C VAL C 60 3.59 -14.25 28.82
N ALA C 61 4.47 -15.18 28.50
CA ALA C 61 5.66 -14.88 27.74
C ALA C 61 5.83 -15.93 26.64
N GLY C 62 6.24 -15.50 25.44
CA GLY C 62 6.45 -16.46 24.36
C GLY C 62 7.89 -16.58 23.89
N GLY C 63 8.33 -17.82 23.69
CA GLY C 63 9.64 -18.12 23.12
C GLY C 63 9.50 -18.81 21.77
N SER C 64 10.54 -19.51 21.32
CA SER C 64 10.48 -20.22 20.04
C SER C 64 9.48 -21.36 20.18
N LYS C 65 8.29 -21.18 19.61
CA LYS C 65 7.22 -22.19 19.62
C LYS C 65 6.92 -22.69 21.04
N SER C 66 6.88 -21.72 21.95
CA SER C 66 6.70 -22.03 23.39
C SER C 66 5.91 -20.90 24.06
N LEU C 67 5.15 -21.24 25.07
CA LEU C 67 4.43 -20.22 25.87
C LEU C 67 4.70 -20.53 27.34
N PHE C 68 4.83 -19.49 28.13
CA PHE C 68 5.04 -19.63 29.58
C PHE C 68 4.02 -18.72 30.25
N ALA C 69 3.42 -19.18 31.33
CA ALA C 69 2.46 -18.37 32.08
C ALA C 69 2.87 -18.31 33.55
N VAL C 70 2.88 -17.10 34.12
CA VAL C 70 3.10 -16.90 35.55
C VAL C 70 1.75 -16.59 36.20
N THR C 71 1.43 -17.30 37.28
CA THR C 71 0.12 -17.12 37.92
C THR C 71 0.20 -16.12 39.04
N VAL C 72 -0.96 -15.66 39.49
CA VAL C 72 -1.02 -14.62 40.56
C VAL C 72 -0.36 -15.15 41.84
N GLU C 73 -0.34 -16.45 42.05
CA GLU C 73 0.21 -17.02 43.31
C GLU C 73 1.69 -17.38 43.12
N GLY C 74 2.22 -17.21 41.90
CA GLY C 74 3.65 -17.45 41.67
C GLY C 74 3.96 -18.83 41.10
N LYS C 75 3.00 -19.45 40.42
CA LYS C 75 3.27 -20.76 39.74
C LYS C 75 3.62 -20.49 38.28
N VAL C 76 4.51 -21.30 37.70
CA VAL C 76 4.87 -21.15 36.30
C VAL C 76 4.42 -22.39 35.52
N TYR C 77 3.76 -22.15 34.39
CA TYR C 77 3.29 -23.20 33.49
C TYR C 77 3.89 -22.98 32.12
N ALA C 78 4.09 -24.07 31.37
CA ALA C 78 4.66 -23.97 30.05
C ALA C 78 3.97 -24.95 29.10
N CYS C 79 4.06 -24.64 27.80
CA CYS C 79 3.55 -25.50 26.75
C CYS C 79 4.26 -25.17 25.44
N GLY C 80 4.17 -26.10 24.49
CA GLY C 80 4.82 -25.99 23.19
C GLY C 80 5.95 -26.97 22.96
N GLU C 81 6.91 -26.61 22.11
CA GLU C 81 7.99 -27.51 21.75
C GLU C 81 8.94 -27.69 22.93
N ALA C 82 9.31 -28.93 23.25
CA ALA C 82 10.14 -29.20 24.43
C ALA C 82 11.62 -29.38 24.09
N THR C 83 11.96 -29.35 22.80
CA THR C 83 13.33 -29.54 22.32
C THR C 83 14.30 -28.61 23.03
N ASN C 84 15.51 -29.10 23.32
CA ASN C 84 16.59 -28.36 23.96
C ASN C 84 16.28 -28.07 25.43
N GLY C 85 15.23 -28.68 25.99
CA GLY C 85 14.87 -28.40 27.35
C GLY C 85 14.28 -27.04 27.59
N ARG C 86 13.81 -26.35 26.52
CA ARG C 86 13.42 -24.94 26.60
C ARG C 86 12.26 -24.72 27.56
N LEU C 87 11.46 -25.73 27.85
CA LEU C 87 10.28 -25.52 28.70
C LEU C 87 10.57 -25.73 30.18
N GLY C 88 11.71 -26.31 30.54
CA GLY C 88 12.03 -26.51 31.94
C GLY C 88 11.26 -27.62 32.62
N LEU C 89 10.68 -28.54 31.87
CA LEU C 89 9.84 -29.57 32.44
C LEU C 89 10.56 -30.91 32.62
N GLY C 90 11.90 -30.91 32.58
CA GLY C 90 12.64 -32.15 32.70
C GLY C 90 12.68 -33.02 31.46
N ILE C 91 12.24 -32.51 30.31
CA ILE C 91 12.28 -33.27 29.06
C ILE C 91 13.08 -32.46 28.04
N SER C 92 13.51 -33.14 26.96
CA SER C 92 14.26 -32.45 25.92
C SER C 92 13.79 -32.81 24.52
N SER C 93 12.62 -33.42 24.38
CA SER C 93 12.12 -33.82 23.09
C SER C 93 10.59 -33.82 23.15
N GLY C 94 9.97 -33.71 21.98
CA GLY C 94 8.51 -33.78 21.87
C GLY C 94 7.85 -32.44 22.12
N THR C 95 6.55 -32.48 22.36
CA THR C 95 5.79 -31.28 22.68
C THR C 95 5.01 -31.46 23.97
N VAL C 96 4.61 -30.34 24.55
CA VAL C 96 3.73 -30.30 25.71
C VAL C 96 2.45 -29.59 25.28
N PRO C 97 1.37 -30.34 25.01
CA PRO C 97 0.21 -29.74 24.35
C PRO C 97 -0.69 -28.94 25.26
N ILE C 98 -0.71 -29.24 26.57
CA ILE C 98 -1.54 -28.54 27.54
C ILE C 98 -0.61 -27.89 28.54
N PRO C 99 -0.85 -26.65 28.97
CA PRO C 99 0.11 -25.98 29.88
C PRO C 99 0.36 -26.80 31.13
N ARG C 100 1.64 -27.04 31.43
CA ARG C 100 2.04 -27.93 32.52
C ARG C 100 2.92 -27.16 33.50
N GLN C 101 2.77 -27.43 34.79
CA GLN C 101 3.48 -26.65 35.79
C GLN C 101 4.95 -27.03 35.84
N ILE C 102 5.81 -26.02 35.90
CA ILE C 102 7.23 -26.22 36.14
C ILE C 102 7.37 -26.48 37.63
N THR C 103 7.21 -27.74 38.02
CA THR C 103 7.21 -28.08 39.44
C THR C 103 8.58 -27.88 40.08
N ALA C 104 9.64 -27.73 39.29
CA ALA C 104 10.92 -27.42 39.89
C ALA C 104 10.90 -26.08 40.61
N LEU C 105 9.99 -25.18 40.24
CA LEU C 105 9.88 -23.88 40.87
C LEU C 105 8.79 -23.82 41.92
N SER C 106 8.20 -24.98 42.27
CA SER C 106 7.03 -25.04 43.16
C SER C 106 7.25 -24.31 44.48
N SER C 107 8.46 -24.37 45.02
CA SER C 107 8.69 -23.76 46.33
C SER C 107 8.93 -22.26 46.27
N TYR C 108 8.90 -21.65 45.09
CA TYR C 108 9.22 -20.23 44.95
C TYR C 108 8.06 -19.48 44.32
N VAL C 109 7.93 -18.22 44.71
CA VAL C 109 6.91 -17.32 44.18
C VAL C 109 7.58 -16.54 43.05
N VAL C 110 7.26 -16.92 41.81
CA VAL C 110 7.82 -16.31 40.60
C VAL C 110 6.97 -15.12 40.20
N LYS C 111 7.62 -14.00 39.82
CA LYS C 111 6.88 -12.85 39.29
C LYS C 111 7.13 -12.56 37.83
N LYS C 112 8.18 -13.13 37.23
CA LYS C 112 8.41 -12.85 35.82
C LYS C 112 9.23 -13.96 35.20
N VAL C 113 8.88 -14.31 33.96
CA VAL C 113 9.68 -15.20 33.11
C VAL C 113 10.17 -14.38 31.93
N ALA C 114 11.47 -14.48 31.65
CA ALA C 114 12.10 -13.77 30.54
C ALA C 114 12.52 -14.78 29.48
N VAL C 115 12.12 -14.53 28.24
CA VAL C 115 12.49 -15.40 27.13
C VAL C 115 12.45 -14.54 25.87
N HIS C 116 13.31 -14.85 24.91
CA HIS C 116 13.27 -14.17 23.63
C HIS C 116 12.25 -14.89 22.74
N SER C 117 11.64 -14.14 21.82
CA SER C 117 10.66 -14.74 20.93
C SER C 117 11.28 -15.88 20.13
N GLY C 118 12.57 -15.79 19.82
CA GLY C 118 13.26 -16.87 19.15
C GLY C 118 14.17 -17.69 20.06
N GLY C 119 13.92 -17.66 21.36
CA GLY C 119 14.82 -18.28 22.31
C GLY C 119 14.46 -19.73 22.67
N ARG C 120 15.49 -20.44 23.15
CA ARG C 120 15.37 -21.82 23.59
C ARG C 120 15.87 -21.97 25.03
N HIS C 121 16.03 -20.85 25.74
CA HIS C 121 16.35 -20.83 27.17
C HIS C 121 15.58 -19.69 27.82
N ALA C 122 15.42 -19.76 29.14
CA ALA C 122 14.64 -18.73 29.80
C ALA C 122 15.15 -18.57 31.21
N THR C 123 14.76 -17.47 31.84
CA THR C 123 15.00 -17.26 33.26
C THR C 123 13.68 -16.92 33.94
N ALA C 124 13.67 -17.14 35.25
CA ALA C 124 12.53 -16.83 36.11
C ALA C 124 13.06 -16.00 37.27
N LEU C 125 12.30 -14.96 37.64
CA LEU C 125 12.64 -14.06 38.73
C LEU C 125 11.62 -14.22 39.86
N THR C 126 12.09 -14.47 41.09
CA THR C 126 11.16 -14.59 42.21
C THR C 126 10.90 -13.22 42.85
N VAL C 127 9.85 -13.17 43.68
CA VAL C 127 9.49 -11.92 44.33
C VAL C 127 10.61 -11.43 45.23
N ASP C 128 11.38 -12.34 45.83
CA ASP C 128 12.49 -11.99 46.70
C ASP C 128 13.83 -11.90 45.97
N GLY C 129 13.80 -11.83 44.63
CA GLY C 129 14.96 -11.42 43.86
C GLY C 129 15.91 -12.50 43.41
N LYS C 130 15.48 -13.76 43.42
CA LYS C 130 16.32 -14.87 42.99
C LYS C 130 16.06 -15.17 41.52
N VAL C 131 17.08 -15.65 40.82
CA VAL C 131 16.97 -15.92 39.39
C VAL C 131 17.28 -17.40 39.14
N PHE C 132 16.39 -18.07 38.41
CA PHE C 132 16.62 -19.43 37.92
C PHE C 132 16.71 -19.41 36.40
N SER C 133 17.45 -20.37 35.83
CA SER C 133 17.52 -20.44 34.37
C SER C 133 17.39 -21.89 33.95
N TRP C 134 16.95 -22.11 32.70
CA TRP C 134 16.85 -23.46 32.15
C TRP C 134 16.88 -23.43 30.63
N GLY C 135 17.19 -24.58 30.04
CA GLY C 135 17.09 -24.73 28.60
C GLY C 135 18.44 -24.91 27.92
N GLU C 136 18.56 -24.44 26.68
CA GLU C 136 19.81 -24.52 25.94
C GLU C 136 20.93 -23.76 26.64
N GLY C 137 22.05 -24.43 26.85
CA GLY C 137 23.14 -23.89 27.64
C GLY C 137 24.31 -23.33 26.83
N ASP C 138 24.21 -23.37 25.51
CA ASP C 138 25.32 -23.00 24.65
C ASP C 138 25.80 -21.58 24.98
N ASP C 139 27.11 -21.38 24.93
CA ASP C 139 27.71 -20.06 25.15
C ASP C 139 27.47 -19.50 26.56
N GLY C 140 27.02 -20.33 27.49
CA GLY C 140 26.92 -19.91 28.88
C GLY C 140 25.72 -19.04 29.22
N LYS C 141 24.71 -18.97 28.35
CA LYS C 141 23.60 -18.03 28.57
C LYS C 141 22.75 -18.41 29.78
N LEU C 142 22.91 -19.61 30.33
CA LEU C 142 22.24 -19.97 31.58
C LEU C 142 22.96 -19.40 32.80
N GLY C 143 24.24 -19.07 32.66
CA GLY C 143 24.98 -18.43 33.71
C GLY C 143 25.47 -19.30 34.85
N HIS C 144 25.64 -20.61 34.66
CA HIS C 144 26.17 -21.50 35.70
C HIS C 144 27.65 -21.89 35.48
N PHE C 145 28.44 -20.96 34.95
CA PHE C 145 29.87 -21.19 34.68
C PHE C 145 30.02 -22.40 33.78
N SER C 146 29.07 -22.55 32.84
CA SER C 146 29.26 -23.72 31.97
C SER C 146 28.49 -23.53 30.67
N ARG C 147 28.66 -24.48 29.75
CA ARG C 147 27.96 -24.46 28.48
C ARG C 147 26.91 -25.56 28.35
N MET C 148 26.58 -26.23 29.45
CA MET C 148 25.72 -27.42 29.43
C MET C 148 24.25 -27.00 29.43
N ASN C 149 23.41 -27.69 28.65
CA ASN C 149 21.95 -27.54 28.77
C ASN C 149 21.47 -27.95 30.15
N CYS C 150 20.35 -27.35 30.59
CA CYS C 150 19.67 -27.71 31.84
C CYS C 150 18.20 -27.93 31.53
N ASP C 151 17.71 -29.16 31.65
CA ASP C 151 16.32 -29.37 31.27
C ASP C 151 15.34 -28.96 32.39
N LYS C 152 15.84 -28.48 33.52
CA LYS C 152 15.03 -28.02 34.64
C LYS C 152 15.63 -26.73 35.18
N PRO C 153 14.81 -25.84 35.75
CA PRO C 153 15.37 -24.60 36.35
C PRO C 153 16.45 -24.87 37.39
N ARG C 154 17.51 -24.09 37.30
CA ARG C 154 18.61 -24.11 38.29
C ARG C 154 18.92 -22.67 38.72
N LEU C 155 19.06 -22.43 40.00
CA LEU C 155 19.39 -21.14 40.61
C LEU C 155 20.73 -20.67 40.06
N ILE C 156 20.76 -19.44 39.55
CA ILE C 156 22.02 -18.82 39.16
C ILE C 156 22.75 -18.41 40.43
N GLU C 157 23.73 -19.23 40.85
CA GLU C 157 24.40 -19.00 42.13
C GLU C 157 25.10 -17.65 42.18
N ALA C 158 25.67 -17.23 41.05
CA ALA C 158 26.43 -15.98 40.98
C ALA C 158 25.60 -14.77 41.41
N LEU C 159 24.28 -14.83 41.28
CA LEU C 159 23.42 -13.70 41.62
C LEU C 159 22.75 -13.82 42.98
N LYS C 160 23.01 -14.91 43.72
CA LYS C 160 22.28 -15.21 44.94
C LYS C 160 22.34 -14.07 45.96
N THR C 161 23.44 -13.32 46.00
CA THR C 161 23.50 -12.22 46.96
C THR C 161 22.89 -10.90 46.44
N LYS C 162 22.35 -10.91 45.22
CA LYS C 162 21.89 -9.65 44.61
C LYS C 162 20.37 -9.62 44.57
N ARG C 163 19.82 -8.45 44.80
CA ARG C 163 18.35 -8.32 44.71
C ARG C 163 18.03 -7.94 43.28
N ILE C 164 17.73 -8.96 42.47
CA ILE C 164 17.42 -8.73 41.05
C ILE C 164 16.00 -8.17 40.95
N ARG C 165 15.84 -7.13 40.15
CA ARG C 165 14.58 -6.45 39.93
C ARG C 165 13.92 -6.81 38.61
N ASP C 166 14.71 -7.15 37.59
CA ASP C 166 14.15 -7.44 36.27
C ASP C 166 15.14 -8.33 35.52
N ILE C 167 14.62 -9.00 34.48
CA ILE C 167 15.39 -9.97 33.71
C ILE C 167 14.98 -9.84 32.26
N ALA C 168 15.91 -10.23 31.37
CA ALA C 168 15.68 -10.34 29.94
C ALA C 168 16.55 -11.45 29.38
N CYS C 169 16.10 -12.07 28.29
CA CYS C 169 16.90 -13.07 27.59
C CYS C 169 16.85 -12.82 26.09
N GLY C 170 18.00 -12.96 25.45
CA GLY C 170 18.05 -13.07 24.01
C GLY C 170 18.03 -14.52 23.59
N SER C 171 18.40 -14.75 22.32
CA SER C 171 18.58 -16.12 21.87
C SER C 171 19.91 -16.71 22.31
N SER C 172 20.88 -15.88 22.66
CA SER C 172 22.21 -16.41 22.95
C SER C 172 22.90 -15.69 24.11
N HIS C 173 22.22 -14.79 24.78
CA HIS C 173 22.72 -14.14 25.98
C HIS C 173 21.53 -13.77 26.86
N SER C 174 21.84 -13.26 28.04
CA SER C 174 20.86 -13.08 29.11
C SER C 174 21.29 -11.86 29.92
N ALA C 175 20.32 -11.27 30.65
CA ALA C 175 20.60 -10.09 31.45
C ALA C 175 19.73 -10.05 32.70
N ALA C 176 20.25 -9.39 33.73
CA ALA C 176 19.49 -9.13 34.94
C ALA C 176 19.95 -7.81 35.53
N LEU C 177 19.04 -7.11 36.19
CA LEU C 177 19.39 -5.84 36.81
C LEU C 177 18.97 -5.81 38.27
N THR C 178 19.78 -5.13 39.07
CA THR C 178 19.60 -5.10 40.52
C THR C 178 18.67 -3.95 40.91
N SER C 179 18.12 -4.04 42.12
CA SER C 179 17.31 -2.96 42.63
C SER C 179 18.09 -1.65 42.71
N SER C 180 19.42 -1.71 42.76
CA SER C 180 20.25 -0.51 42.79
C SER C 180 20.59 0.03 41.40
N GLY C 181 20.15 -0.64 40.34
CA GLY C 181 20.34 -0.13 39.00
C GLY C 181 21.54 -0.65 38.24
N GLU C 182 22.24 -1.67 38.76
CA GLU C 182 23.36 -2.27 38.05
C GLU C 182 22.81 -3.32 37.07
N LEU C 183 23.45 -3.42 35.91
CA LEU C 183 23.08 -4.39 34.87
C LEU C 183 24.14 -5.48 34.75
N TYR C 184 23.70 -6.74 34.74
CA TYR C 184 24.52 -7.91 34.46
C TYR C 184 24.14 -8.46 33.09
N THR C 185 25.13 -8.90 32.32
CA THR C 185 24.89 -9.66 31.09
C THR C 185 25.78 -10.89 31.09
N TRP C 186 25.36 -11.93 30.38
CA TRP C 186 26.22 -13.10 30.24
C TRP C 186 25.78 -13.89 29.03
N GLY C 187 26.65 -14.79 28.57
CA GLY C 187 26.38 -15.61 27.41
C GLY C 187 27.35 -15.32 26.28
N LEU C 188 26.83 -15.42 25.04
CA LEU C 188 27.69 -15.33 23.86
C LEU C 188 28.25 -13.92 23.73
N GLY C 189 29.56 -13.82 23.53
CA GLY C 189 30.16 -12.51 23.50
C GLY C 189 30.29 -11.91 22.13
N GLU C 190 30.04 -12.72 21.11
CA GLU C 190 30.27 -12.35 19.73
C GLU C 190 29.55 -11.05 19.37
N TYR C 191 30.27 -10.17 18.64
CA TYR C 191 29.74 -8.89 18.14
C TYR C 191 29.31 -7.94 19.26
N GLY C 192 29.83 -8.11 20.47
CA GLY C 192 29.70 -7.08 21.48
C GLY C 192 28.41 -7.06 22.27
N ARG C 193 27.56 -8.08 22.15
CA ARG C 193 26.20 -7.96 22.70
C ARG C 193 26.20 -7.84 24.22
N LEU C 194 27.26 -8.28 24.88
CA LEU C 194 27.29 -8.25 26.35
C LEU C 194 27.67 -6.89 26.89
N GLY C 195 28.37 -6.09 26.12
CA GLY C 195 28.66 -4.73 26.52
C GLY C 195 29.88 -4.51 27.40
N HIS C 196 30.84 -5.44 27.41
CA HIS C 196 32.01 -5.32 28.27
C HIS C 196 33.24 -4.81 27.55
N GLY C 197 33.10 -4.28 26.34
CA GLY C 197 34.24 -3.72 25.64
C GLY C 197 35.15 -4.75 25.01
N ASP C 198 34.66 -5.96 24.82
CA ASP C 198 35.34 -6.99 24.05
C ASP C 198 34.25 -7.90 23.50
N ASN C 199 34.65 -8.95 22.78
CA ASN C 199 33.69 -9.93 22.26
C ASN C 199 33.82 -11.26 22.98
N THR C 200 34.25 -11.22 24.24
CA THR C 200 34.48 -12.43 25.02
C THR C 200 33.17 -12.96 25.59
N THR C 201 32.93 -14.25 25.37
CA THR C 201 31.81 -14.93 26.00
C THR C 201 32.00 -14.92 27.52
N GLN C 202 30.90 -14.73 28.24
CA GLN C 202 30.88 -14.77 29.72
C GLN C 202 29.95 -15.89 30.16
N LEU C 203 30.52 -16.92 30.81
CA LEU C 203 29.72 -18.06 31.30
C LEU C 203 29.06 -17.79 32.64
N LYS C 204 29.33 -16.66 33.29
CA LYS C 204 28.71 -16.23 34.53
C LYS C 204 28.27 -14.78 34.38
N PRO C 205 27.22 -14.35 35.09
CA PRO C 205 26.83 -12.92 35.04
C PRO C 205 28.01 -11.99 35.25
N LYS C 206 28.08 -10.95 34.42
CA LYS C 206 29.14 -9.95 34.53
C LYS C 206 28.52 -8.54 34.44
N MET C 207 28.88 -7.69 35.38
CA MET C 207 28.32 -6.34 35.49
C MET C 207 28.83 -5.45 34.36
N VAL C 208 27.93 -4.73 33.71
CA VAL C 208 28.27 -3.79 32.63
C VAL C 208 28.82 -2.51 33.25
N LYS C 209 30.14 -2.39 33.30
CA LYS C 209 30.78 -1.25 34.00
C LYS C 209 30.45 0.09 33.37
N VAL C 210 30.30 0.13 32.04
CA VAL C 210 30.08 1.41 31.35
C VAL C 210 28.82 2.10 31.84
N LEU C 211 27.83 1.34 32.31
CA LEU C 211 26.56 1.91 32.74
C LEU C 211 26.52 2.26 34.22
N LEU C 212 27.57 1.98 34.99
CA LEU C 212 27.59 2.43 36.37
C LEU C 212 27.51 3.96 36.39
N GLY C 213 26.84 4.50 37.39
CA GLY C 213 26.48 5.91 37.37
C GLY C 213 25.10 6.20 36.80
N HIS C 214 24.55 5.31 35.98
CA HIS C 214 23.15 5.34 35.58
C HIS C 214 22.39 4.24 36.31
N ARG C 215 21.19 4.56 36.77
CA ARG C 215 20.32 3.54 37.33
C ARG C 215 19.55 2.91 36.18
N VAL C 216 19.95 1.69 35.80
CA VAL C 216 19.27 0.95 34.73
C VAL C 216 18.01 0.32 35.32
N ILE C 217 16.87 0.50 34.63
CA ILE C 217 15.61 -0.03 35.14
C ILE C 217 14.96 -1.01 34.19
N GLN C 218 15.47 -1.16 32.97
CA GLN C 218 14.92 -2.12 32.03
C GLN C 218 16.02 -2.51 31.05
N VAL C 219 15.99 -3.77 30.57
CA VAL C 219 16.92 -4.25 29.57
C VAL C 219 16.17 -5.15 28.58
N ALA C 220 16.61 -5.16 27.32
CA ALA C 220 16.06 -6.06 26.30
C ALA C 220 17.20 -6.62 25.47
N CYS C 221 17.09 -7.89 25.06
CA CYS C 221 18.16 -8.61 24.37
C CYS C 221 17.66 -9.18 23.05
N GLY C 222 18.47 -9.07 21.99
CA GLY C 222 18.09 -9.54 20.67
C GLY C 222 18.53 -10.97 20.38
N SER C 223 18.38 -11.38 19.11
CA SER C 223 18.70 -12.74 18.69
C SER C 223 19.66 -12.74 17.50
N ARG C 224 20.14 -13.93 17.15
CA ARG C 224 21.14 -14.14 16.08
C ARG C 224 22.28 -13.16 16.29
N ASP C 225 22.71 -12.41 15.28
CA ASP C 225 23.73 -11.37 15.50
C ASP C 225 23.02 -10.25 16.26
N ALA C 226 23.16 -10.24 17.59
CA ALA C 226 22.16 -9.62 18.45
C ALA C 226 22.58 -8.26 18.99
N GLN C 227 21.58 -7.40 19.20
CA GLN C 227 21.76 -6.16 19.93
C GLN C 227 21.28 -6.35 21.36
N THR C 228 21.64 -5.39 22.20
CA THR C 228 21.09 -5.23 23.55
C THR C 228 20.67 -3.79 23.75
N LEU C 229 19.56 -3.58 24.45
CA LEU C 229 19.06 -2.25 24.78
C LEU C 229 18.94 -2.11 26.30
N ALA C 230 19.12 -0.88 26.79
CA ALA C 230 18.96 -0.61 28.21
C ALA C 230 18.30 0.75 28.39
N LEU C 231 17.53 0.88 29.47
CA LEU C 231 16.76 2.08 29.81
C LEU C 231 17.09 2.50 31.23
N THR C 232 17.38 3.79 31.43
CA THR C 232 17.70 4.29 32.76
C THR C 232 16.51 5.02 33.36
N ASP C 233 16.62 5.39 34.64
CA ASP C 233 15.46 6.03 35.26
C ASP C 233 15.32 7.50 34.86
N GLU C 234 16.29 8.04 34.14
CA GLU C 234 16.18 9.36 33.52
C GLU C 234 15.59 9.28 32.12
N GLY C 235 15.18 8.11 31.68
CA GLY C 235 14.67 7.92 30.34
C GLY C 235 15.74 7.82 29.27
N LEU C 236 17.01 7.64 29.65
CA LEU C 236 18.05 7.45 28.65
C LEU C 236 18.00 6.02 28.12
N VAL C 237 18.03 5.86 26.80
CA VAL C 237 18.12 4.55 26.16
C VAL C 237 19.53 4.35 25.65
N PHE C 238 20.10 3.17 25.93
CA PHE C 238 21.41 2.77 25.44
C PHE C 238 21.28 1.51 24.59
N SER C 239 22.16 1.37 23.61
CA SER C 239 22.25 0.20 22.76
C SER C 239 23.70 -0.24 22.57
N TRP C 240 23.87 -1.53 22.33
CA TRP C 240 25.17 -2.08 21.98
C TRP C 240 24.99 -3.45 21.37
N GLY C 241 26.07 -3.95 20.77
CA GLY C 241 26.02 -5.25 20.14
C GLY C 241 26.16 -5.16 18.65
N ASP C 242 25.46 -6.04 17.93
CA ASP C 242 25.60 -6.07 16.48
C ASP C 242 24.87 -4.89 15.83
N GLY C 243 25.48 -4.34 14.78
CA GLY C 243 24.97 -3.14 14.14
C GLY C 243 24.20 -3.34 12.86
N ASP C 244 24.14 -4.58 12.35
CA ASP C 244 23.48 -4.83 11.07
C ASP C 244 22.06 -4.28 11.09
N PHE C 245 21.67 -3.64 9.97
CA PHE C 245 20.32 -3.17 9.72
C PHE C 245 19.91 -1.99 10.59
N GLY C 246 20.87 -1.33 11.26
CA GLY C 246 20.53 -0.15 12.02
C GLY C 246 19.86 -0.39 13.36
N LYS C 247 19.89 -1.62 13.87
CA LYS C 247 19.05 -1.92 15.04
C LYS C 247 19.68 -1.38 16.32
N LEU C 248 20.90 -0.85 16.27
CA LEU C 248 21.43 -0.07 17.38
C LEU C 248 20.83 1.34 17.43
N GLY C 249 20.20 1.78 16.36
CA GLY C 249 19.51 3.05 16.39
C GLY C 249 20.35 4.29 16.28
N ARG C 250 21.62 4.19 15.87
CA ARG C 250 22.49 5.36 15.79
C ARG C 250 23.02 5.55 14.38
N GLY C 251 22.29 5.07 13.37
CA GLY C 251 22.67 5.27 12.00
C GLY C 251 23.64 4.20 11.51
N GLY C 252 23.66 4.01 10.20
CA GLY C 252 24.64 3.13 9.59
C GLY C 252 24.44 1.68 10.05
N SER C 253 25.56 0.95 10.12
CA SER C 253 25.48 -0.48 10.41
C SER C 253 26.62 -0.98 11.27
N GLU C 254 27.41 -0.10 11.88
CA GLU C 254 28.56 -0.58 12.65
C GLU C 254 28.12 -0.99 14.06
N GLY C 255 28.56 -2.17 14.51
CA GLY C 255 28.29 -2.60 15.87
C GLY C 255 29.21 -1.91 16.87
N CYS C 256 28.96 -2.18 18.16
CA CYS C 256 29.87 -1.68 19.19
C CYS C 256 29.75 -2.58 20.40
N ASN C 257 30.84 -2.68 21.16
CA ASN C 257 30.85 -3.57 22.31
C ASN C 257 30.74 -2.83 23.65
N ILE C 258 30.38 -1.55 23.62
CA ILE C 258 30.07 -0.82 24.84
C ILE C 258 28.76 -0.07 24.65
N PRO C 259 27.96 0.06 25.70
CA PRO C 259 26.69 0.79 25.59
C PRO C 259 26.90 2.20 25.05
N GLN C 260 26.01 2.62 24.16
CA GLN C 260 26.00 3.96 23.60
C GLN C 260 24.60 4.52 23.69
N ASN C 261 24.49 5.80 24.03
CA ASN C 261 23.19 6.45 24.12
C ASN C 261 22.55 6.64 22.74
N ILE C 262 21.30 6.18 22.59
CA ILE C 262 20.52 6.47 21.39
C ILE C 262 19.99 7.89 21.53
N GLU C 263 20.70 8.83 20.91
CA GLU C 263 20.40 10.24 21.10
C GLU C 263 18.98 10.59 20.70
N ARG C 264 18.44 9.93 19.68
CA ARG C 264 17.14 10.39 19.18
C ARG C 264 16.03 10.19 20.20
N LEU C 265 16.17 9.22 21.13
CA LEU C 265 15.11 8.95 22.10
C LEU C 265 15.26 9.79 23.36
N ASN C 266 16.32 10.57 23.47
CA ASN C 266 16.45 11.49 24.59
C ASN C 266 15.27 12.47 24.64
N GLY C 267 14.76 12.71 25.83
CA GLY C 267 13.64 13.63 26.03
C GLY C 267 12.27 13.06 25.70
N GLN C 268 12.19 11.85 25.19
CA GLN C 268 10.93 11.30 24.71
C GLN C 268 10.13 10.57 25.78
N GLY C 269 10.72 10.32 26.94
CA GLY C 269 10.01 9.60 27.99
C GLY C 269 9.77 8.12 27.72
N VAL C 270 10.74 7.44 27.10
CA VAL C 270 10.63 6.00 26.91
C VAL C 270 10.40 5.30 28.24
N CYS C 271 9.45 4.35 28.27
CA CYS C 271 9.19 3.58 29.47
C CYS C 271 9.19 2.08 29.25
N GLN C 272 9.30 1.60 28.01
CA GLN C 272 9.41 0.17 27.73
C GLN C 272 10.29 -0.03 26.51
N ILE C 273 11.14 -1.05 26.52
CA ILE C 273 11.98 -1.40 25.38
C ILE C 273 11.85 -2.90 25.10
N GLU C 274 11.98 -3.28 23.82
CA GLU C 274 11.87 -4.67 23.40
C GLU C 274 12.78 -4.91 22.18
N CYS C 275 13.20 -6.16 22.01
CA CYS C 275 13.98 -6.58 20.86
C CYS C 275 13.33 -7.82 20.25
N GLY C 276 12.96 -7.71 18.99
CA GLY C 276 12.50 -8.84 18.20
C GLY C 276 13.67 -9.48 17.47
N ALA C 277 13.40 -9.99 16.28
CA ALA C 277 14.47 -10.54 15.44
C ALA C 277 15.03 -9.41 14.60
N GLN C 278 16.25 -8.97 14.94
CA GLN C 278 16.98 -7.94 14.18
C GLN C 278 16.27 -6.58 14.20
N PHE C 279 15.38 -6.33 15.16
CA PHE C 279 14.82 -5.00 15.28
C PHE C 279 14.54 -4.68 16.74
N SER C 280 14.32 -3.39 16.98
CA SER C 280 14.16 -2.82 18.31
C SER C 280 12.90 -1.98 18.35
N LEU C 281 12.32 -1.86 19.55
CA LEU C 281 11.06 -1.14 19.72
C LEU C 281 11.09 -0.41 21.06
N ALA C 282 10.59 0.82 21.08
CA ALA C 282 10.44 1.54 22.34
C ALA C 282 9.04 2.13 22.45
N LEU C 283 8.54 2.19 23.68
CA LEU C 283 7.24 2.78 23.99
C LEU C 283 7.47 3.95 24.94
N THR C 284 6.80 5.08 24.72
CA THR C 284 6.97 6.19 25.65
C THR C 284 5.77 6.29 26.58
N LYS C 285 5.96 7.06 27.65
CA LYS C 285 4.91 7.31 28.62
C LYS C 285 3.73 8.02 27.97
N SER C 286 3.98 8.85 26.96
CA SER C 286 2.87 9.53 26.31
C SER C 286 2.16 8.63 25.31
N GLY C 287 2.64 7.41 25.10
CA GLY C 287 1.92 6.48 24.23
C GLY C 287 2.45 6.33 22.82
N VAL C 288 3.64 6.87 22.54
CA VAL C 288 4.25 6.83 21.22
C VAL C 288 5.08 5.56 21.08
N VAL C 289 5.00 4.92 19.92
CA VAL C 289 5.80 3.73 19.62
C VAL C 289 6.85 4.09 18.58
N TRP C 290 8.10 3.72 18.84
CA TRP C 290 9.21 3.91 17.94
C TRP C 290 9.81 2.56 17.56
N THR C 291 10.14 2.35 16.29
CA THR C 291 10.85 1.13 15.91
C THR C 291 12.05 1.43 15.02
N TRP C 292 13.02 0.51 15.02
CA TRP C 292 14.15 0.65 14.12
C TRP C 292 14.77 -0.73 13.95
N GLY C 293 15.51 -0.90 12.84
CA GLY C 293 16.20 -2.14 12.56
C GLY C 293 15.81 -2.72 11.21
N LYS C 294 15.91 -4.05 11.10
CA LYS C 294 15.68 -4.74 9.84
C LYS C 294 14.23 -4.61 9.39
N GLY C 295 14.03 -4.23 8.12
CA GLY C 295 12.71 -3.88 7.64
C GLY C 295 11.96 -5.01 6.96
N ASP C 296 12.66 -6.07 6.58
CA ASP C 296 12.04 -7.12 5.77
C ASP C 296 10.76 -7.64 6.44
N TYR C 297 9.74 -7.93 5.63
CA TYR C 297 8.47 -8.51 6.08
C TYR C 297 7.67 -7.58 6.98
N PHE C 298 8.01 -6.29 6.96
CA PHE C 298 7.20 -5.21 7.53
C PHE C 298 7.14 -5.27 9.04
N ARG C 299 8.17 -5.83 9.69
CA ARG C 299 8.14 -5.98 11.14
C ARG C 299 8.19 -4.64 11.87
N LEU C 300 8.63 -3.55 11.21
CA LEU C 300 8.76 -2.25 11.87
C LEU C 300 7.48 -1.42 11.88
N GLY C 301 6.51 -1.73 11.01
CA GLY C 301 5.21 -1.08 11.10
C GLY C 301 5.06 0.23 10.36
N HIS C 302 5.98 0.57 9.46
CA HIS C 302 5.95 1.85 8.77
C HIS C 302 5.30 1.79 7.38
N GLY C 303 4.87 0.62 6.92
CA GLY C 303 4.18 0.50 5.64
C GLY C 303 5.07 0.16 4.45
N SER C 304 6.39 0.31 4.60
CA SER C 304 7.41 -0.16 3.67
C SER C 304 8.32 -1.15 4.39
N ASP C 305 9.11 -1.91 3.64
CA ASP C 305 10.02 -2.84 4.30
C ASP C 305 11.46 -2.34 4.33
N VAL C 306 11.66 -1.02 4.27
CA VAL C 306 13.04 -0.49 4.30
C VAL C 306 13.63 -0.61 5.71
N HIS C 307 14.95 -0.75 5.81
CA HIS C 307 15.59 -0.74 7.13
C HIS C 307 15.56 0.66 7.69
N VAL C 308 15.38 0.78 9.00
CA VAL C 308 15.45 2.13 9.61
C VAL C 308 16.60 2.14 10.60
N ARG C 309 17.49 3.12 10.50
CA ARG C 309 18.72 3.02 11.28
C ARG C 309 18.77 3.98 12.47
N LYS C 310 17.72 4.75 12.68
CA LYS C 310 17.53 5.55 13.87
C LYS C 310 16.05 5.49 14.18
N PRO C 311 15.66 5.50 15.45
CA PRO C 311 14.25 5.28 15.81
C PRO C 311 13.29 6.16 15.00
N GLN C 312 12.21 5.57 14.51
CA GLN C 312 11.16 6.29 13.78
C GLN C 312 9.80 6.00 14.40
N VAL C 313 8.98 7.04 14.53
CA VAL C 313 7.65 6.86 15.11
C VAL C 313 6.78 6.00 14.19
N VAL C 314 6.06 5.06 14.79
CA VAL C 314 5.06 4.28 14.08
C VAL C 314 3.83 5.17 13.89
N GLU C 315 3.77 5.86 12.76
CA GLU C 315 2.76 6.89 12.59
C GLU C 315 1.36 6.33 12.43
N GLY C 316 1.23 5.05 12.07
CA GLY C 316 -0.08 4.46 12.02
C GLY C 316 -0.75 4.35 13.38
N LEU C 317 -0.01 4.60 14.47
CA LEU C 317 -0.60 4.63 15.81
C LEU C 317 -0.69 6.05 16.36
N ARG C 318 -0.36 7.07 15.58
CA ARG C 318 -0.38 8.41 16.12
C ARG C 318 -1.80 8.79 16.52
N GLY C 319 -1.92 9.45 17.67
CA GLY C 319 -3.21 9.78 18.23
C GLY C 319 -3.82 8.68 19.07
N LYS C 320 -3.22 7.50 19.09
CA LYS C 320 -3.61 6.42 20.00
C LYS C 320 -2.57 6.27 21.09
N LYS C 321 -3.01 6.31 22.34
CA LYS C 321 -2.11 6.22 23.48
C LYS C 321 -1.86 4.74 23.80
N ILE C 322 -0.71 4.25 23.37
CA ILE C 322 -0.36 2.86 23.61
C ILE C 322 0.12 2.71 25.04
N VAL C 323 -0.31 1.65 25.72
CA VAL C 323 0.07 1.40 27.11
C VAL C 323 0.87 0.14 27.28
N HIS C 324 0.92 -0.73 26.26
CA HIS C 324 1.76 -1.92 26.35
C HIS C 324 2.08 -2.43 24.95
N VAL C 325 3.26 -3.01 24.79
CA VAL C 325 3.73 -3.48 23.48
C VAL C 325 4.39 -4.84 23.68
N ALA C 326 4.43 -5.62 22.60
CA ALA C 326 5.19 -6.86 22.62
C ALA C 326 5.73 -7.13 21.24
N VAL C 327 6.80 -7.92 21.15
CA VAL C 327 7.41 -8.20 19.86
C VAL C 327 7.58 -9.70 19.69
N GLY C 328 7.31 -10.19 18.49
CA GLY C 328 7.73 -11.51 18.07
C GLY C 328 8.97 -11.44 17.21
N ALA C 329 9.18 -12.50 16.41
CA ALA C 329 10.27 -12.48 15.44
C ALA C 329 10.05 -11.38 14.40
N LEU C 330 8.87 -11.41 13.75
CA LEU C 330 8.56 -10.56 12.61
C LEU C 330 7.23 -9.85 12.78
N HIS C 331 6.71 -9.80 14.00
CA HIS C 331 5.44 -9.13 14.23
C HIS C 331 5.49 -8.43 15.58
N CYS C 332 4.62 -7.44 15.73
CA CYS C 332 4.48 -6.69 16.98
C CYS C 332 3.00 -6.59 17.30
N LEU C 333 2.72 -6.39 18.60
CA LEU C 333 1.39 -6.09 19.13
C LEU C 333 1.48 -4.84 19.97
N ALA C 334 0.44 -4.01 19.91
CA ALA C 334 0.36 -2.80 20.71
C ALA C 334 -1.07 -2.66 21.18
N VAL C 335 -1.26 -2.35 22.46
CA VAL C 335 -2.60 -2.18 23.01
C VAL C 335 -2.78 -0.75 23.54
N THR C 336 -3.92 -0.15 23.23
CA THR C 336 -4.24 1.23 23.57
C THR C 336 -4.76 1.33 24.99
N ASP C 337 -4.85 2.56 25.47
CA ASP C 337 -5.39 2.75 26.81
C ASP C 337 -6.87 2.41 26.89
N SER C 338 -7.56 2.25 25.76
CA SER C 338 -8.95 1.79 25.84
C SER C 338 -9.09 0.30 25.51
N GLY C 339 -8.00 -0.45 25.35
CA GLY C 339 -8.06 -1.93 25.18
C GLY C 339 -8.03 -2.44 23.75
N GLN C 340 -7.88 -1.55 22.77
CA GLN C 340 -7.78 -1.96 21.36
C GLN C 340 -6.39 -2.53 21.10
N VAL C 341 -6.33 -3.68 20.43
CA VAL C 341 -5.07 -4.33 20.13
C VAL C 341 -4.78 -4.14 18.65
N TYR C 342 -3.58 -3.66 18.33
CA TYR C 342 -3.12 -3.52 16.96
C TYR C 342 -1.95 -4.46 16.74
N ALA C 343 -1.86 -5.00 15.51
CA ALA C 343 -0.76 -5.86 15.11
C ALA C 343 -0.16 -5.35 13.82
N TRP C 344 1.13 -5.63 13.62
CA TRP C 344 1.71 -5.44 12.29
C TRP C 344 2.81 -6.46 12.09
N GLY C 345 3.19 -6.61 10.83
CA GLY C 345 4.28 -7.49 10.47
C GLY C 345 3.81 -8.75 9.75
N ASP C 346 4.65 -9.77 9.83
CA ASP C 346 4.45 -10.97 9.03
C ASP C 346 3.24 -11.77 9.50
N ASN C 347 2.67 -12.55 8.59
CA ASN C 347 1.43 -13.27 8.87
C ASN C 347 1.40 -14.66 8.26
N ASP C 348 2.57 -15.27 8.01
CA ASP C 348 2.56 -16.61 7.40
C ASP C 348 1.77 -17.61 8.23
N HIS C 349 1.70 -17.39 9.55
CA HIS C 349 1.02 -18.34 10.42
C HIS C 349 -0.18 -17.72 11.14
N GLY C 350 -0.73 -16.62 10.63
CA GLY C 350 -1.90 -16.03 11.25
C GLY C 350 -1.65 -15.19 12.49
N GLN C 351 -0.38 -14.88 12.80
CA GLN C 351 -0.07 -14.22 14.08
C GLN C 351 -0.51 -12.76 14.09
N GLN C 352 -0.91 -12.19 12.94
CA GLN C 352 -1.50 -10.86 12.92
C GLN C 352 -2.91 -10.82 13.54
N GLY C 353 -3.63 -11.93 13.54
CA GLY C 353 -4.97 -11.92 14.09
C GLY C 353 -5.99 -11.21 13.21
N ASN C 354 -5.76 -11.15 11.91
CA ASN C 354 -6.70 -10.47 11.03
C ASN C 354 -7.55 -11.43 10.22
N GLY C 355 -7.55 -12.71 10.58
CA GLY C 355 -8.44 -13.68 9.96
C GLY C 355 -7.96 -14.23 8.66
N THR C 356 -6.74 -13.90 8.25
CA THR C 356 -6.19 -14.25 6.93
C THR C 356 -4.73 -14.65 7.16
N THR C 357 -3.99 -14.88 6.09
CA THR C 357 -2.54 -14.89 6.19
C THR C 357 -1.92 -13.73 5.42
N THR C 358 -2.67 -12.66 5.21
CA THR C 358 -2.13 -11.46 4.58
C THR C 358 -1.25 -10.65 5.55
N VAL C 359 -0.05 -10.27 5.10
CA VAL C 359 0.83 -9.39 5.88
C VAL C 359 0.10 -8.10 6.27
N ASN C 360 0.34 -7.61 7.51
CA ASN C 360 -0.07 -6.25 7.91
C ASN C 360 1.12 -5.30 7.72
N ARG C 361 1.08 -4.47 6.68
CA ARG C 361 2.18 -3.53 6.46
C ARG C 361 2.18 -2.38 7.49
N LYS C 362 1.03 -2.01 8.03
CA LYS C 362 0.89 -0.97 9.02
C LYS C 362 0.01 -1.50 10.14
N PRO C 363 0.03 -0.86 11.31
CA PRO C 363 -0.74 -1.38 12.45
C PRO C 363 -2.19 -1.54 12.05
N THR C 364 -2.76 -2.67 12.41
CA THR C 364 -4.08 -3.09 11.99
C THR C 364 -4.79 -3.73 13.17
N LEU C 365 -6.01 -3.29 13.45
CA LEU C 365 -6.81 -3.79 14.58
C LEU C 365 -6.96 -5.30 14.48
N VAL C 366 -6.70 -6.02 15.58
CA VAL C 366 -6.97 -7.46 15.51
C VAL C 366 -8.49 -7.65 15.63
N GLN C 367 -8.98 -8.81 15.22
N GLN C 367 -8.98 -8.80 15.22
CA GLN C 367 -10.43 -8.94 15.26
CA GLN C 367 -10.43 -8.94 15.29
C GLN C 367 -10.89 -9.69 16.50
C GLN C 367 -10.90 -9.69 16.52
N GLY C 368 -12.13 -9.40 16.92
CA GLY C 368 -12.82 -10.17 17.93
C GLY C 368 -12.71 -9.69 19.37
N LEU C 369 -11.91 -8.67 19.68
CA LEU C 369 -11.62 -8.35 21.07
C LEU C 369 -12.35 -7.12 21.59
N GLU C 370 -13.26 -6.53 20.82
CA GLU C 370 -13.94 -5.33 21.32
C GLU C 370 -14.79 -5.69 22.55
N GLY C 371 -14.69 -4.89 23.61
CA GLY C 371 -15.37 -5.21 24.86
C GLY C 371 -14.52 -5.99 25.83
N GLN C 372 -13.42 -6.57 25.36
CA GLN C 372 -12.38 -7.07 26.23
C GLN C 372 -11.41 -5.93 26.40
N LYS C 373 -11.31 -5.43 27.62
CA LYS C 373 -10.35 -4.37 27.91
C LYS C 373 -8.99 -5.03 28.07
N ILE C 374 -8.39 -5.42 26.94
CA ILE C 374 -7.05 -5.99 26.97
C ILE C 374 -6.11 -4.99 27.65
N THR C 375 -5.33 -5.48 28.63
CA THR C 375 -4.32 -4.63 29.25
C THR C 375 -2.87 -5.02 28.92
N ARG C 376 -2.62 -6.23 28.44
CA ARG C 376 -1.27 -6.69 28.19
C ARG C 376 -1.27 -7.56 26.95
N VAL C 377 -0.16 -7.54 26.22
CA VAL C 377 0.07 -8.43 25.08
C VAL C 377 1.42 -9.12 25.22
N ALA C 378 1.55 -10.26 24.53
CA ALA C 378 2.84 -10.96 24.50
C ALA C 378 2.94 -11.65 23.15
N CYS C 379 4.17 -11.98 22.77
CA CYS C 379 4.41 -12.68 21.52
C CYS C 379 5.48 -13.73 21.74
N GLY C 380 5.34 -14.85 21.04
CA GLY C 380 6.43 -15.76 20.79
C GLY C 380 6.92 -15.61 19.35
N SER C 381 7.69 -16.62 18.91
CA SER C 381 8.33 -16.52 17.60
C SER C 381 7.33 -16.19 16.50
N SER C 382 6.22 -16.92 16.47
CA SER C 382 5.22 -16.79 15.43
C SER C 382 3.82 -16.87 16.02
N HIS C 383 3.65 -16.46 17.28
CA HIS C 383 2.36 -16.57 17.94
C HIS C 383 2.15 -15.36 18.85
N SER C 384 0.89 -15.17 19.29
CA SER C 384 0.44 -13.90 19.83
C SER C 384 -0.51 -14.14 20.98
N VAL C 385 -0.47 -13.25 21.98
CA VAL C 385 -1.28 -13.39 23.19
C VAL C 385 -1.80 -12.01 23.60
N ALA C 386 -3.02 -11.98 24.14
CA ALA C 386 -3.57 -10.75 24.73
C ALA C 386 -4.37 -11.15 25.95
N TRP C 387 -4.28 -10.37 27.04
CA TRP C 387 -5.02 -10.79 28.21
C TRP C 387 -5.50 -9.58 28.99
N THR C 388 -6.52 -9.80 29.82
CA THR C 388 -7.18 -8.73 30.54
C THR C 388 -7.09 -9.00 32.03
N THR C 389 -7.02 -7.91 32.82
CA THR C 389 -6.96 -7.97 34.30
C THR C 389 -6.38 -9.24 34.87
N ASP D 2 27.05 20.44 5.91
CA ASP D 2 26.07 19.63 5.20
C ASP D 2 25.74 20.20 3.81
N ASP D 3 24.82 19.54 3.10
CA ASP D 3 24.58 19.81 1.69
C ASP D 3 23.77 21.10 1.52
N ASP D 4 24.23 21.98 0.63
CA ASP D 4 23.57 23.27 0.42
C ASP D 4 22.22 23.13 -0.27
N ASP D 5 21.84 21.93 -0.72
CA ASP D 5 20.61 21.74 -1.46
C ASP D 5 19.53 21.02 -0.66
N LYS D 6 19.83 20.64 0.59
CA LYS D 6 18.81 20.17 1.52
C LYS D 6 17.93 21.33 1.97
N ASP D 7 16.63 21.07 2.06
CA ASP D 7 15.72 22.02 2.68
C ASP D 7 15.79 21.86 4.18
N GLN D 8 15.47 22.94 4.88
CA GLN D 8 15.28 22.92 6.33
C GLN D 8 13.77 22.98 6.63
N ASP D 9 13.31 22.05 7.46
CA ASP D 9 11.94 22.10 7.97
C ASP D 9 11.80 23.25 8.96
N GLU D 10 11.09 24.31 8.56
CA GLU D 10 10.92 25.49 9.40
C GLU D 10 9.62 25.49 10.19
N SER D 11 8.98 24.33 10.33
CA SER D 11 7.76 24.25 11.14
C SER D 11 8.09 24.24 12.63
N ASP E 2 -12.30 8.30 -0.51
CA ASP E 2 -13.61 7.65 -0.76
C ASP E 2 -13.48 6.47 -1.72
N ASP E 3 -14.19 5.36 -1.47
CA ASP E 3 -14.11 4.18 -2.34
C ASP E 3 -14.83 4.49 -3.65
N ASP E 4 -14.16 4.30 -4.78
CA ASP E 4 -14.71 4.65 -6.08
C ASP E 4 -15.95 3.83 -6.43
N ASP E 5 -16.16 2.69 -5.78
CA ASP E 5 -17.23 1.78 -6.09
C ASP E 5 -18.42 1.93 -5.16
N LYS E 6 -18.38 2.93 -4.26
CA LYS E 6 -19.52 3.29 -3.42
C LYS E 6 -20.48 4.20 -4.17
N ASP E 7 -21.76 3.86 -4.12
CA ASP E 7 -22.81 4.76 -4.58
C ASP E 7 -23.02 5.88 -3.59
N GLN E 8 -23.36 7.04 -4.11
CA GLN E 8 -23.89 8.12 -3.31
C GLN E 8 -25.42 8.09 -3.32
N ASP E 9 -26.02 8.34 -2.17
CA ASP E 9 -27.48 8.46 -2.06
C ASP E 9 -27.87 9.85 -2.56
N GLU E 10 -28.44 9.93 -3.77
CA GLU E 10 -28.75 11.20 -4.41
C GLU E 10 -30.09 11.80 -3.98
N SER E 11 -30.86 11.11 -3.16
CA SER E 11 -32.14 11.60 -2.69
C SER E 11 -31.98 12.82 -1.79
N ASP F 3 14.11 -15.73 5.21
CA ASP F 3 14.66 -15.27 6.49
C ASP F 3 14.73 -16.38 7.54
N ASP F 4 15.90 -16.51 8.17
CA ASP F 4 16.11 -17.53 9.20
C ASP F 4 15.17 -17.34 10.39
N ASP F 5 14.68 -16.13 10.62
CA ASP F 5 13.82 -15.90 11.78
C ASP F 5 12.34 -16.22 11.51
N LYS F 6 11.98 -16.60 10.28
CA LYS F 6 10.65 -17.17 10.00
C LYS F 6 10.59 -18.64 10.43
N ASP F 7 9.64 -18.98 11.29
CA ASP F 7 9.28 -20.36 11.62
C ASP F 7 8.61 -21.00 10.41
N GLN F 8 8.69 -22.32 10.36
CA GLN F 8 7.97 -23.08 9.33
C GLN F 8 6.95 -23.94 10.07
N ASP F 9 5.83 -24.23 9.43
CA ASP F 9 4.80 -25.09 10.05
C ASP F 9 5.11 -26.54 9.68
C1 CIT G . 32.81 8.33 -24.39
O1 CIT G . 33.39 9.00 -23.50
O2 CIT G . 33.15 8.47 -25.60
C2 CIT G . 31.72 7.33 -23.99
C3 CIT G . 31.81 6.01 -24.75
O7 CIT G . 31.59 6.21 -26.13
C4 CIT G . 33.16 5.36 -24.51
C5 CIT G . 33.78 5.73 -23.17
O3 CIT G . 33.29 5.30 -22.09
O4 CIT G . 34.79 6.48 -23.13
C6 CIT G . 30.72 5.07 -24.28
O5 CIT G . 29.70 4.87 -24.99
O6 CIT G . 30.86 4.48 -23.17
C1 CIT H . 17.48 13.69 17.13
O1 CIT H . 16.23 13.66 17.07
O2 CIT H . 18.08 13.71 18.24
C2 CIT H . 18.26 13.74 15.83
C3 CIT H . 19.37 12.72 15.74
O7 CIT H . 18.84 11.44 15.98
C4 CIT H . 20.48 13.04 16.74
C5 CIT H . 21.66 12.09 16.70
O3 CIT H . 21.54 10.99 16.11
O4 CIT H . 22.75 12.41 17.23
C6 CIT H . 19.93 12.81 14.33
O5 CIT H . 19.27 12.36 13.36
O6 CIT H . 21.05 13.35 14.15
C1 CIT I . 29.71 -9.02 40.71
O1 CIT I . 28.81 -9.30 41.52
O2 CIT I . 30.05 -7.86 40.45
C2 CIT I . 30.40 -10.17 40.01
C3 CIT I . 31.92 -10.07 39.88
O7 CIT I . 32.51 -11.32 40.18
C4 CIT I . 32.27 -9.70 38.44
C5 CIT I . 31.47 -8.54 37.87
O3 CIT I . 30.28 -8.73 37.61
O4 CIT I . 32.06 -7.47 37.69
C6 CIT I . 32.44 -8.99 40.86
O5 CIT I . 32.59 -9.32 42.04
O6 CIT I . 32.63 -7.86 40.40
#